data_6LTV
#
_entry.id   6LTV
#
_cell.length_a   63.169
_cell.length_b   100.167
_cell.length_c   66.945
_cell.angle_alpha   90.000
_cell.angle_beta   95.990
_cell.angle_gamma   90.000
#
_symmetry.space_group_name_H-M   'P 1 21 1'
#
loop_
_entity.id
_entity.type
_entity.pdbx_description
1 polymer 'S-adenosylmethionine synthase'
2 non-polymer TRIPHOSPHATE
3 non-polymer 'MAGNESIUM ION'
4 non-polymer [(2S,3S,4R,5R)-5-(6-aminopurin-9-yl)-3,4-bis(oxidanyl)oxolan-2-yl]methyl-[(3R)-3-azanyl-4-oxidanyl-4-oxidanylidene-butyl]-[(2-nitrophenyl)methyl]sulfanium
5 water water
#
_entity_poly.entity_id   1
_entity_poly.type   'polypeptide(L)'
_entity_poly.pdbx_seq_one_letter_code
;MAHHHHHHMDSSRLSGNKSTYTDLQTTSEQFLFSSESVCSGHPDKLCDQISDAILDACLEQDPESFVACETCTKTGFIMV
FGEITTKANVNYERVVRETVKEIGYDSEEKGLDYKTMDVIIKLEQQSNQAAGCVHVDKNVEDIGAGDQGMMFGYATNETK
ELMPLTHVLATSITRELDYIRMKGVSSRVGWLRPDGKAQVTVEYNCKHGVLIPKRIHTILVSVQHDENIENEEIREFVLE
NVIKKVCPSDLMDKETRILINPSGRFTIGGPAADAGLTGRKIIVDTYGGWGAHGGGAFSGKDATKVDRSGAYMARLVAKS
IVFSGLCSRCLVQVSYGAGIARPLSLYINTFGTAKDGYNDTKLLEIVNKVFDFRPGILIKQLNLKSPIFKKTSSGGHFGR
SEKEFLWEKPIILQ
;
_entity_poly.pdbx_strand_id   A,B
#
loop_
_chem_comp.id
_chem_comp.type
_chem_comp.name
_chem_comp.formula
3PO non-polymer TRIPHOSPHATE 'H5 O10 P3'
EU9 non-polymer [(2S,3S,4R,5R)-5-(6-aminopurin-9-yl)-3,4-bis(oxidanyl)oxolan-2-yl]methyl-[(3R)-3-azanyl-4-oxidanyl-4-oxidanylidene-butyl]-[(2-nitrophenyl)methyl]sulfanium 'C21 H26 N7 O7 S 1'
MG non-polymer 'MAGNESIUM ION' 'Mg 2'
#
# COMPACT_ATOMS: atom_id res chain seq x y z
N GLU A 29 -0.25 27.53 -13.23
CA GLU A 29 0.52 26.26 -12.96
C GLU A 29 -0.29 25.02 -13.39
N GLN A 30 0.04 24.51 -14.60
CA GLN A 30 -0.42 23.22 -15.06
C GLN A 30 0.43 22.02 -14.66
N PHE A 31 -0.21 20.87 -14.50
CA PHE A 31 0.57 19.64 -14.30
C PHE A 31 -0.20 18.39 -14.75
N LEU A 32 0.49 17.27 -14.94
CA LEU A 32 -0.13 16.00 -15.24
C LEU A 32 -0.10 15.09 -14.04
N PHE A 33 -1.11 14.19 -13.89
CA PHE A 33 -1.16 13.28 -12.76
C PHE A 33 -2.01 12.14 -13.19
N SER A 34 -1.61 10.90 -12.80
CA SER A 34 -2.21 9.64 -13.24
C SER A 34 -2.73 8.89 -12.07
N SER A 35 -3.84 8.24 -12.30
CA SER A 35 -4.30 7.16 -11.39
C SER A 35 -4.64 5.90 -12.19
N GLU A 36 -4.69 4.75 -11.47
CA GLU A 36 -5.07 3.52 -12.13
C GLU A 36 -6.17 2.74 -11.45
N SER A 37 -6.68 1.75 -12.17
CA SER A 37 -7.65 0.75 -11.63
C SER A 37 -7.39 -0.56 -12.33
N VAL A 38 -7.98 -1.65 -11.78
CA VAL A 38 -7.88 -2.94 -12.34
C VAL A 38 -9.27 -3.55 -12.38
N CYS A 39 -9.41 -4.54 -13.24
CA CYS A 39 -10.64 -5.31 -13.42
C CYS A 39 -10.82 -6.30 -12.27
N SER A 40 -12.04 -6.77 -12.07
CA SER A 40 -12.24 -7.67 -10.99
C SER A 40 -11.56 -9.02 -11.22
N GLY A 41 -11.17 -9.35 -12.45
CA GLY A 41 -10.43 -10.59 -12.69
C GLY A 41 -8.92 -10.43 -12.51
N HIS A 42 -8.44 -9.22 -12.20
CA HIS A 42 -7.01 -9.05 -11.92
C HIS A 42 -6.70 -9.95 -10.74
N PRO A 43 -5.53 -10.66 -10.75
CA PRO A 43 -5.31 -11.69 -9.73
C PRO A 43 -5.32 -11.17 -8.26
N ASP A 44 -4.81 -9.99 -8.05
CA ASP A 44 -4.87 -9.41 -6.73
C ASP A 44 -6.31 -9.05 -6.31
N LYS A 45 -7.04 -8.43 -7.24
CA LYS A 45 -8.38 -8.01 -6.87
C LYS A 45 -9.29 -9.32 -6.67
N LEU A 46 -8.99 -10.36 -7.39
CA LEU A 46 -9.69 -11.67 -7.17
C LEU A 46 -9.50 -12.10 -5.78
N CYS A 47 -8.29 -11.90 -5.25
CA CYS A 47 -8.06 -12.30 -3.89
C CYS A 47 -8.80 -11.41 -2.86
N ASP A 48 -8.81 -10.10 -3.13
CA ASP A 48 -9.64 -9.16 -2.26
C ASP A 48 -11.14 -9.66 -2.21
N GLN A 49 -11.66 -10.07 -3.38
CA GLN A 49 -13.06 -10.37 -3.46
C GLN A 49 -13.33 -11.68 -2.76
N ILE A 50 -12.48 -12.69 -2.92
CA ILE A 50 -12.63 -13.92 -2.12
C ILE A 50 -12.60 -13.63 -0.60
N SER A 51 -11.61 -12.82 -0.16
CA SER A 51 -11.43 -12.45 1.21
C SER A 51 -12.71 -11.84 1.77
N ASP A 52 -13.34 -10.94 1.02
CA ASP A 52 -14.54 -10.27 1.58
C ASP A 52 -15.76 -11.12 1.34
N ALA A 53 -15.76 -12.02 0.39
CA ALA A 53 -16.90 -12.98 0.27
C ALA A 53 -16.98 -13.92 1.50
N ILE A 54 -15.80 -14.36 1.95
CA ILE A 54 -15.69 -15.11 3.21
C ILE A 54 -16.05 -14.28 4.49
N LEU A 55 -15.57 -13.02 4.56
CA LEU A 55 -15.98 -12.13 5.61
C LEU A 55 -17.51 -12.08 5.65
N ASP A 56 -18.12 -11.76 4.53
CA ASP A 56 -19.63 -11.59 4.54
C ASP A 56 -20.32 -12.90 4.89
N ALA A 57 -19.81 -14.01 4.43
CA ALA A 57 -20.41 -15.35 4.77
C ALA A 57 -20.45 -15.56 6.31
N CYS A 58 -19.39 -15.12 6.98
CA CYS A 58 -19.28 -15.23 8.39
C CYS A 58 -20.27 -14.28 9.07
N LEU A 59 -20.22 -13.03 8.69
CA LEU A 59 -21.08 -11.99 9.32
C LEU A 59 -22.57 -12.30 9.16
N GLU A 60 -22.95 -12.92 8.06
CA GLU A 60 -24.37 -13.10 7.85
C GLU A 60 -24.96 -14.09 8.83
N GLN A 61 -24.15 -15.02 9.35
CA GLN A 61 -24.57 -15.93 10.42
C GLN A 61 -24.18 -15.43 11.82
N ASP A 62 -23.05 -14.71 11.92
CA ASP A 62 -22.47 -14.31 13.23
C ASP A 62 -21.89 -12.88 13.11
N PRO A 63 -22.73 -11.89 13.43
CA PRO A 63 -22.32 -10.48 13.27
C PRO A 63 -21.10 -10.09 14.19
N GLU A 64 -20.82 -10.86 15.23
CA GLU A 64 -19.69 -10.63 16.11
C GLU A 64 -18.41 -11.37 15.64
N SER A 65 -18.42 -11.99 14.42
CA SER A 65 -17.26 -12.69 13.83
C SER A 65 -15.95 -11.86 13.83
N PHE A 66 -14.82 -12.47 14.21
CA PHE A 66 -13.58 -11.83 14.04
C PHE A 66 -12.98 -12.51 12.80
N VAL A 67 -12.62 -11.70 11.80
CA VAL A 67 -12.07 -12.24 10.53
C VAL A 67 -10.82 -11.44 10.09
N ALA A 68 -9.81 -12.19 9.64
CA ALA A 68 -8.60 -11.73 9.10
C ALA A 68 -8.19 -12.68 7.97
N CYS A 69 -8.94 -12.67 6.89
CA CYS A 69 -8.86 -13.74 5.89
C CYS A 69 -8.09 -13.32 4.71
N GLU A 70 -6.93 -13.93 4.53
CA GLU A 70 -6.02 -13.58 3.44
C GLU A 70 -6.16 -14.60 2.32
N THR A 71 -5.95 -14.17 1.08
CA THR A 71 -6.04 -15.07 -0.07
C THR A 71 -4.86 -14.89 -0.99
N CYS A 72 -4.33 -16.00 -1.48
CA CYS A 72 -3.39 -15.91 -2.62
CA CYS A 72 -3.31 -16.01 -2.56
C CYS A 72 -3.67 -16.92 -3.70
N THR A 73 -3.10 -16.62 -4.88
CA THR A 73 -3.35 -17.43 -6.06
C THR A 73 -2.16 -17.48 -7.00
N LYS A 74 -1.96 -18.64 -7.57
CA LYS A 74 -1.04 -18.84 -8.72
C LYS A 74 -1.63 -19.99 -9.53
N THR A 75 -1.06 -20.30 -10.69
CA THR A 75 -1.63 -21.27 -11.59
C THR A 75 -2.24 -22.50 -10.89
N GLY A 76 -3.52 -22.76 -11.14
CA GLY A 76 -4.18 -23.92 -10.65
C GLY A 76 -4.66 -23.93 -9.21
N PHE A 77 -4.50 -22.82 -8.45
CA PHE A 77 -4.86 -22.87 -7.05
C PHE A 77 -5.20 -21.55 -6.42
N ILE A 78 -6.05 -21.66 -5.41
CA ILE A 78 -6.29 -20.63 -4.46
C ILE A 78 -6.00 -21.13 -3.01
N MET A 79 -5.34 -20.33 -2.23
CA MET A 79 -5.13 -20.64 -0.84
C MET A 79 -5.67 -19.52 0.03
N VAL A 80 -6.44 -19.90 1.06
CA VAL A 80 -7.08 -18.97 1.95
C VAL A 80 -6.46 -19.24 3.31
N PHE A 81 -6.02 -18.18 3.98
CA PHE A 81 -5.27 -18.43 5.22
C PHE A 81 -5.35 -17.29 6.19
N GLY A 82 -5.05 -17.46 7.46
CA GLY A 82 -5.30 -16.36 8.37
C GLY A 82 -6.09 -16.80 9.62
N GLU A 83 -6.82 -15.85 10.22
CA GLU A 83 -7.46 -16.08 11.51
C GLU A 83 -8.95 -15.71 11.51
N ILE A 84 -9.78 -16.61 12.03
CA ILE A 84 -11.22 -16.39 12.02
C ILE A 84 -11.69 -17.04 13.33
N THR A 85 -12.38 -16.21 14.14
CA THR A 85 -13.17 -16.70 15.30
C THR A 85 -14.61 -16.35 15.08
N THR A 86 -15.39 -17.41 14.85
CA THR A 86 -16.78 -17.29 14.49
C THR A 86 -17.67 -18.48 14.92
N LYS A 87 -18.94 -18.19 15.17
CA LYS A 87 -19.96 -19.28 15.29
C LYS A 87 -20.52 -19.68 13.96
N ALA A 88 -20.25 -18.92 12.92
CA ALA A 88 -20.77 -19.21 11.59
C ALA A 88 -20.23 -20.60 11.21
N ASN A 89 -21.02 -21.32 10.43
CA ASN A 89 -20.63 -22.57 9.81
C ASN A 89 -20.56 -22.25 8.30
N VAL A 90 -19.36 -22.01 7.77
CA VAL A 90 -19.21 -21.53 6.38
C VAL A 90 -18.47 -22.63 5.55
N ASN A 91 -18.97 -23.02 4.40
CA ASN A 91 -18.25 -23.92 3.55
C ASN A 91 -17.27 -23.05 2.72
N TYR A 92 -16.04 -22.93 3.23
CA TYR A 92 -15.03 -22.00 2.69
C TYR A 92 -14.72 -22.31 1.24
N GLU A 93 -14.57 -23.59 0.92
CA GLU A 93 -14.24 -23.96 -0.45
C GLU A 93 -15.36 -23.58 -1.43
N ARG A 94 -16.59 -23.71 -1.01
CA ARG A 94 -17.71 -23.45 -1.93
C ARG A 94 -17.79 -21.95 -2.19
N VAL A 95 -17.58 -21.18 -1.15
CA VAL A 95 -17.55 -19.70 -1.29
C VAL A 95 -16.42 -19.26 -2.23
N VAL A 96 -15.22 -19.89 -2.10
CA VAL A 96 -14.12 -19.58 -3.02
C VAL A 96 -14.57 -19.89 -4.47
N ARG A 97 -15.07 -21.08 -4.68
CA ARG A 97 -15.36 -21.47 -6.04
C ARG A 97 -16.47 -20.61 -6.63
N GLU A 98 -17.51 -20.33 -5.85
CA GLU A 98 -18.64 -19.55 -6.37
C GLU A 98 -18.15 -18.16 -6.72
N THR A 99 -17.18 -17.63 -5.93
CA THR A 99 -16.73 -16.26 -6.18
C THR A 99 -15.90 -16.21 -7.47
N VAL A 100 -15.04 -17.21 -7.67
CA VAL A 100 -14.28 -17.32 -8.91
C VAL A 100 -15.21 -17.51 -10.17
N LYS A 101 -16.24 -18.35 -10.00
CA LYS A 101 -17.18 -18.61 -11.07
C LYS A 101 -17.83 -17.32 -11.49
N GLU A 102 -18.31 -16.55 -10.51
CA GLU A 102 -19.00 -15.33 -10.82
C GLU A 102 -18.09 -14.25 -11.52
N ILE A 103 -16.83 -14.20 -11.14
CA ILE A 103 -15.88 -13.36 -11.84
C ILE A 103 -15.56 -13.81 -13.27
N GLY A 104 -15.78 -15.11 -13.60
CA GLY A 104 -15.71 -15.61 -14.94
C GLY A 104 -14.49 -16.53 -15.24
N TYR A 105 -13.78 -16.97 -14.22
CA TYR A 105 -12.65 -17.85 -14.45
C TYR A 105 -13.14 -19.30 -14.52
N ASP A 106 -13.48 -19.75 -15.74
CA ASP A 106 -14.13 -21.04 -15.91
C ASP A 106 -13.37 -21.84 -16.94
N SER A 107 -12.08 -21.63 -17.06
CA SER A 107 -11.27 -22.43 -17.95
C SER A 107 -9.81 -22.10 -17.78
N GLU A 108 -9.02 -23.13 -18.01
CA GLU A 108 -7.58 -23.01 -17.82
C GLU A 108 -6.98 -22.07 -18.79
N GLU A 109 -7.54 -21.97 -19.98
CA GLU A 109 -7.02 -21.07 -21.01
C GLU A 109 -7.22 -19.59 -20.62
N LYS A 110 -8.17 -19.30 -19.73
CA LYS A 110 -8.36 -17.95 -19.27
C LYS A 110 -7.51 -17.63 -18.11
N GLY A 111 -6.88 -18.65 -17.50
CA GLY A 111 -5.88 -18.39 -16.45
C GLY A 111 -6.25 -18.98 -15.11
N LEU A 112 -7.49 -19.50 -15.01
CA LEU A 112 -7.97 -20.15 -13.84
C LEU A 112 -9.36 -20.76 -14.15
N ASP A 113 -9.62 -21.94 -13.61
CA ASP A 113 -10.88 -22.68 -13.78
C ASP A 113 -11.39 -23.07 -12.38
N TYR A 114 -12.51 -22.44 -11.92
CA TYR A 114 -13.08 -22.65 -10.61
C TYR A 114 -13.44 -24.14 -10.44
N LYS A 115 -13.66 -24.85 -11.55
CA LYS A 115 -14.14 -26.27 -11.46
C LYS A 115 -12.94 -27.21 -11.11
N THR A 116 -11.74 -26.85 -11.51
CA THR A 116 -10.57 -27.78 -11.39
C THR A 116 -9.47 -27.33 -10.45
N MET A 117 -9.45 -26.04 -10.09
CA MET A 117 -8.41 -25.50 -9.23
C MET A 117 -8.48 -26.19 -7.89
N ASP A 118 -7.32 -26.30 -7.26
CA ASP A 118 -7.24 -26.66 -5.88
C ASP A 118 -7.59 -25.47 -5.03
N VAL A 119 -8.34 -25.71 -3.97
CA VAL A 119 -8.63 -24.69 -2.99
C VAL A 119 -8.12 -25.21 -1.70
N ILE A 120 -7.14 -24.54 -1.13
CA ILE A 120 -6.56 -24.92 0.12
C ILE A 120 -6.93 -23.94 1.26
N ILE A 121 -7.45 -24.47 2.36
CA ILE A 121 -7.90 -23.65 3.48
C ILE A 121 -6.96 -23.81 4.66
N LYS A 122 -6.34 -22.75 5.13
CA LYS A 122 -5.48 -22.78 6.30
C LYS A 122 -5.80 -21.68 7.26
N LEU A 123 -6.96 -21.79 7.82
CA LEU A 123 -7.49 -20.78 8.71
C LEU A 123 -7.39 -21.25 10.16
N GLU A 124 -7.08 -20.38 11.07
CA GLU A 124 -7.01 -20.76 12.44
C GLU A 124 -7.78 -19.82 13.31
N GLN A 125 -7.89 -20.14 14.59
CA GLN A 125 -8.48 -19.16 15.52
C GLN A 125 -7.56 -17.96 15.66
N GLN A 126 -8.22 -16.81 15.94
CA GLN A 126 -7.52 -15.58 16.22
C GLN A 126 -6.64 -15.88 17.41
N SER A 127 -5.50 -15.18 17.56
CA SER A 127 -4.62 -15.25 18.77
C SER A 127 -5.37 -14.90 20.11
N ASN A 128 -5.05 -15.59 21.22
CA ASN A 128 -5.26 -15.04 22.62
C ASN A 128 -4.19 -13.99 22.68
N GLN A 129 -4.46 -12.88 23.34
CA GLN A 129 -3.52 -11.71 23.36
C GLN A 129 -3.87 -10.68 22.25
N HIS A 135 -9.77 -10.55 31.87
CA HIS A 135 -10.45 -9.40 31.25
C HIS A 135 -11.56 -8.86 32.19
N VAL A 136 -11.78 -7.51 32.13
CA VAL A 136 -12.82 -6.73 32.90
C VAL A 136 -14.01 -6.27 31.99
N ASP A 137 -15.16 -5.96 32.60
CA ASP A 137 -16.40 -5.61 31.90
C ASP A 137 -16.14 -4.22 31.25
N LYS A 138 -16.43 -4.06 29.97
CA LYS A 138 -16.28 -2.78 29.21
C LYS A 138 -17.59 -2.34 28.49
N ASN A 139 -17.88 -1.04 28.42
CA ASN A 139 -18.96 -0.47 27.57
C ASN A 139 -18.36 -0.31 26.14
N VAL A 140 -19.21 -0.16 25.19
CA VAL A 140 -18.80 0.08 23.82
C VAL A 140 -17.74 1.19 23.66
N GLU A 141 -17.91 2.27 24.37
CA GLU A 141 -16.96 3.41 24.36
C GLU A 141 -15.58 3.01 24.87
N ASP A 142 -15.49 1.91 25.65
CA ASP A 142 -14.21 1.57 26.29
C ASP A 142 -13.36 0.65 25.43
N ILE A 143 -13.95 -0.02 24.45
CA ILE A 143 -13.27 -0.99 23.58
C ILE A 143 -12.00 -0.37 22.93
N GLY A 144 -10.86 -0.98 23.19
CA GLY A 144 -9.52 -0.56 22.69
C GLY A 144 -9.39 -0.87 21.24
N ALA A 145 -8.59 -0.06 20.52
CA ALA A 145 -8.24 -0.47 19.14
C ALA A 145 -7.52 -1.84 19.23
N GLY A 146 -7.71 -2.65 18.20
CA GLY A 146 -7.05 -3.96 18.15
C GLY A 146 -5.61 -3.93 17.72
N ASP A 147 -5.17 -2.78 17.24
CA ASP A 147 -3.75 -2.68 16.77
C ASP A 147 -3.35 -1.20 16.80
N GLN A 148 -2.07 -0.91 16.63
CA GLN A 148 -1.67 0.44 16.33
C GLN A 148 -1.91 0.65 14.85
N GLY A 149 -1.61 1.84 14.38
CA GLY A 149 -1.59 2.18 12.96
C GLY A 149 -2.24 3.55 12.70
N MET A 150 -2.05 3.99 11.48
CA MET A 150 -2.66 5.24 11.06
C MET A 150 -3.51 5.00 9.78
N MET A 151 -4.46 5.90 9.61
N MET A 151 -4.50 5.85 9.59
CA MET A 151 -5.49 5.84 8.56
CA MET A 151 -5.37 5.73 8.43
C MET A 151 -5.73 7.21 8.00
C MET A 151 -5.80 7.11 7.98
N PHE A 152 -5.87 7.30 6.67
CA PHE A 152 -6.19 8.55 6.08
C PHE A 152 -7.54 8.58 5.34
N GLY A 153 -8.24 9.77 5.39
CA GLY A 153 -9.51 10.02 4.61
C GLY A 153 -9.19 11.17 3.72
N TYR A 154 -9.79 11.25 2.55
CA TYR A 154 -9.53 12.37 1.64
C TYR A 154 -10.83 12.63 0.87
N ALA A 155 -11.03 13.91 0.48
CA ALA A 155 -12.15 14.29 -0.34
C ALA A 155 -11.75 15.51 -1.13
N THR A 156 -12.36 15.70 -2.28
CA THR A 156 -12.01 16.82 -3.16
C THR A 156 -13.25 17.19 -3.97
N ASN A 157 -13.52 18.47 -4.21
CA ASN A 157 -14.75 18.86 -4.96
C ASN A 157 -14.64 18.78 -6.48
N GLU A 158 -13.68 18.05 -7.02
CA GLU A 158 -13.49 17.78 -8.47
C GLU A 158 -14.60 17.06 -9.11
N THR A 159 -15.25 16.14 -8.39
CA THR A 159 -16.28 15.32 -8.97
C THR A 159 -17.44 15.28 -7.98
N LYS A 160 -18.56 14.80 -8.44
CA LYS A 160 -19.71 14.78 -7.56
C LYS A 160 -19.60 13.76 -6.48
N GLU A 161 -18.85 12.69 -6.71
CA GLU A 161 -18.46 11.68 -5.74
C GLU A 161 -17.47 12.25 -4.69
N LEU A 162 -17.00 13.50 -4.84
CA LEU A 162 -15.98 14.11 -3.98
C LEU A 162 -14.68 13.29 -3.93
N MET A 163 -14.31 12.80 -5.12
CA MET A 163 -13.14 12.00 -5.44
C MET A 163 -12.29 12.63 -6.58
N PRO A 164 -11.01 12.34 -6.57
CA PRO A 164 -10.12 12.88 -7.62
C PRO A 164 -10.57 12.37 -8.97
N LEU A 165 -10.57 13.25 -9.96
CA LEU A 165 -11.01 12.83 -11.26
C LEU A 165 -10.24 11.69 -11.86
N THR A 166 -8.94 11.73 -11.74
CA THR A 166 -8.10 10.65 -12.27
C THR A 166 -8.55 9.26 -11.81
N HIS A 167 -8.81 9.14 -10.51
CA HIS A 167 -9.31 7.86 -9.90
C HIS A 167 -10.70 7.53 -10.31
N VAL A 168 -11.56 8.55 -10.41
CA VAL A 168 -12.93 8.29 -10.87
C VAL A 168 -12.97 7.71 -12.32
N LEU A 169 -12.23 8.30 -13.21
CA LEU A 169 -12.21 7.83 -14.57
C LEU A 169 -11.56 6.46 -14.80
N ALA A 170 -10.44 6.23 -14.17
CA ALA A 170 -9.83 4.89 -14.29
C ALA A 170 -10.75 3.89 -13.74
N THR A 171 -11.31 4.16 -12.58
CA THR A 171 -12.22 3.19 -11.93
C THR A 171 -13.54 2.98 -12.81
N SER A 172 -14.07 4.08 -13.36
CA SER A 172 -15.20 3.96 -14.33
C SER A 172 -14.95 3.02 -15.48
N ILE A 173 -13.74 3.09 -16.04
CA ILE A 173 -13.42 2.24 -17.17
C ILE A 173 -13.40 0.74 -16.76
N THR A 174 -12.73 0.40 -15.64
CA THR A 174 -12.67 -1.01 -15.21
C THR A 174 -14.04 -1.52 -14.80
N ARG A 175 -14.80 -0.69 -14.09
CA ARG A 175 -16.11 -1.08 -13.61
C ARG A 175 -17.08 -1.39 -14.81
N GLU A 176 -16.95 -0.57 -15.86
CA GLU A 176 -17.82 -0.71 -17.06
C GLU A 176 -17.42 -1.91 -17.83
N LEU A 177 -16.15 -2.13 -18.08
CA LEU A 177 -15.68 -3.43 -18.58
C LEU A 177 -16.22 -4.69 -17.87
N ASP A 178 -16.14 -4.67 -16.53
CA ASP A 178 -16.57 -5.77 -15.75
C ASP A 178 -18.11 -5.95 -15.90
N TYR A 179 -18.83 -4.87 -15.90
CA TYR A 179 -20.30 -4.88 -15.96
C TYR A 179 -20.70 -5.52 -17.31
N ILE A 180 -20.11 -5.03 -18.37
CA ILE A 180 -20.46 -5.46 -19.72
C ILE A 180 -20.07 -6.95 -19.90
N ARG A 181 -18.98 -7.36 -19.35
CA ARG A 181 -18.59 -8.79 -19.44
C ARG A 181 -19.45 -9.78 -18.60
N MET A 182 -19.68 -9.41 -17.36
CA MET A 182 -20.37 -10.22 -16.42
C MET A 182 -21.87 -10.12 -16.35
N LYS A 183 -22.35 -8.89 -16.20
CA LYS A 183 -23.77 -8.58 -15.98
C LYS A 183 -24.58 -8.05 -17.11
N GLY A 184 -23.99 -8.06 -18.27
CA GLY A 184 -24.72 -7.68 -19.45
C GLY A 184 -24.74 -8.98 -20.18
N VAL A 185 -23.61 -9.24 -20.87
CA VAL A 185 -23.23 -10.40 -21.71
C VAL A 185 -23.93 -11.05 -22.95
N SER A 186 -23.99 -10.33 -24.05
CA SER A 186 -24.45 -10.92 -25.28
C SER A 186 -23.18 -11.19 -26.09
N SER A 187 -23.15 -12.25 -26.92
CA SER A 187 -21.96 -12.61 -27.72
C SER A 187 -21.20 -11.34 -28.09
N ARG A 188 -21.95 -10.25 -28.23
CA ARG A 188 -21.27 -8.88 -28.34
C ARG A 188 -20.03 -8.63 -27.42
N VAL A 189 -19.83 -9.43 -26.35
CA VAL A 189 -18.59 -9.39 -25.58
C VAL A 189 -18.07 -10.77 -25.19
N GLY A 190 -18.50 -11.79 -25.93
CA GLY A 190 -18.06 -13.16 -25.71
C GLY A 190 -16.57 -13.30 -25.69
N TRP A 191 -15.88 -12.40 -26.36
CA TRP A 191 -14.47 -12.44 -26.42
C TRP A 191 -13.69 -11.82 -25.25
N LEU A 192 -14.34 -11.10 -24.37
CA LEU A 192 -13.59 -10.48 -23.28
C LEU A 192 -13.31 -11.47 -22.16
N ARG A 193 -12.10 -11.45 -21.62
CA ARG A 193 -11.66 -12.33 -20.49
C ARG A 193 -11.58 -11.49 -19.22
N PRO A 194 -11.40 -12.09 -18.06
CA PRO A 194 -11.62 -11.33 -16.82
C PRO A 194 -10.53 -10.32 -16.42
N ASP A 195 -9.30 -10.58 -16.81
CA ASP A 195 -8.18 -9.67 -16.41
C ASP A 195 -8.10 -8.35 -17.20
N GLY A 196 -7.56 -7.31 -16.62
CA GLY A 196 -7.36 -6.04 -17.28
C GLY A 196 -6.99 -4.91 -16.32
N LYS A 197 -6.49 -3.84 -16.91
CA LYS A 197 -6.13 -2.65 -16.12
C LYS A 197 -6.35 -1.40 -16.93
N ALA A 198 -6.53 -0.25 -16.27
CA ALA A 198 -6.63 1.03 -16.96
C ALA A 198 -5.89 2.08 -16.21
N GLN A 199 -5.50 3.12 -16.89
CA GLN A 199 -4.78 4.25 -16.26
C GLN A 199 -5.10 5.52 -16.91
N VAL A 200 -5.46 6.55 -16.12
CA VAL A 200 -5.87 7.79 -16.75
C VAL A 200 -5.00 8.91 -16.26
N THR A 201 -4.54 9.78 -17.19
CA THR A 201 -3.71 10.89 -16.87
C THR A 201 -4.51 12.13 -17.16
N VAL A 202 -4.64 13.06 -16.20
CA VAL A 202 -5.40 14.29 -16.38
C VAL A 202 -4.42 15.46 -16.27
N GLU A 203 -4.67 16.49 -17.09
CA GLU A 203 -3.96 17.72 -16.98
C GLU A 203 -4.81 18.64 -16.11
N TYR A 204 -4.22 19.12 -15.05
CA TYR A 204 -4.83 20.03 -14.07
C TYR A 204 -4.27 21.43 -14.09
N ASN A 205 -5.11 22.39 -13.68
CA ASN A 205 -4.68 23.67 -13.14
C ASN A 205 -4.86 23.64 -11.62
N CYS A 206 -3.92 24.25 -10.88
CA CYS A 206 -4.07 24.44 -9.40
C CYS A 206 -4.23 25.90 -9.21
N LYS A 207 -5.30 26.24 -8.49
CA LYS A 207 -5.41 27.56 -7.86
C LYS A 207 -5.71 27.52 -6.36
N HIS A 208 -4.82 28.18 -5.63
CA HIS A 208 -4.95 28.29 -4.19
C HIS A 208 -5.29 26.88 -3.53
N GLY A 209 -4.76 25.78 -4.13
CA GLY A 209 -4.87 24.40 -3.59
C GLY A 209 -6.09 23.69 -4.18
N VAL A 210 -6.91 24.49 -4.88
CA VAL A 210 -8.08 24.00 -5.66
C VAL A 210 -7.65 23.49 -7.08
N LEU A 211 -7.99 22.23 -7.27
CA LEU A 211 -7.63 21.49 -8.40
C LEU A 211 -8.75 21.67 -9.40
N ILE A 212 -8.45 22.11 -10.61
CA ILE A 212 -9.41 22.22 -11.67
C ILE A 212 -8.87 21.42 -12.85
N PRO A 213 -9.56 20.33 -13.17
CA PRO A 213 -9.20 19.53 -14.30
C PRO A 213 -9.34 20.40 -15.55
N LYS A 214 -8.37 20.34 -16.45
CA LYS A 214 -8.49 21.07 -17.72
C LYS A 214 -8.83 20.10 -18.87
N ARG A 215 -8.20 18.93 -18.96
CA ARG A 215 -8.41 17.96 -20.06
C ARG A 215 -7.89 16.58 -19.66
N ILE A 216 -8.47 15.53 -20.23
CA ILE A 216 -7.86 14.23 -20.17
C ILE A 216 -6.70 14.15 -21.17
N HIS A 217 -5.53 13.76 -20.68
CA HIS A 217 -4.28 13.81 -21.41
C HIS A 217 -3.97 12.45 -22.06
N THR A 218 -4.09 11.34 -21.32
CA THR A 218 -3.80 9.99 -21.81
C THR A 218 -4.77 8.99 -21.14
N ILE A 219 -5.38 8.13 -21.94
CA ILE A 219 -6.16 7.03 -21.43
C ILE A 219 -5.53 5.75 -21.91
N LEU A 220 -5.18 4.91 -20.96
CA LEU A 220 -4.61 3.58 -21.29
C LEU A 220 -5.50 2.49 -20.71
N VAL A 221 -5.78 1.48 -21.51
CA VAL A 221 -6.53 0.30 -21.13
C VAL A 221 -5.85 -0.92 -21.69
N SER A 222 -5.67 -1.98 -20.86
CA SER A 222 -5.18 -3.23 -21.33
C SER A 222 -6.25 -4.20 -20.90
N VAL A 223 -6.88 -4.90 -21.86
CA VAL A 223 -7.88 -5.93 -21.55
C VAL A 223 -7.52 -7.35 -22.05
N GLN A 224 -7.89 -8.36 -21.26
CA GLN A 224 -7.62 -9.73 -21.68
C GLN A 224 -8.72 -10.15 -22.66
N HIS A 225 -8.36 -10.96 -23.64
CA HIS A 225 -9.31 -11.36 -24.73
C HIS A 225 -9.04 -12.75 -25.22
N ASP A 226 -10.03 -13.29 -25.91
CA ASP A 226 -9.94 -14.60 -26.54
C ASP A 226 -8.96 -14.47 -27.67
N GLU A 227 -8.44 -15.63 -28.07
CA GLU A 227 -7.55 -15.81 -29.23
C GLU A 227 -8.10 -15.28 -30.58
N ASN A 228 -9.37 -15.49 -30.80
CA ASN A 228 -9.90 -15.22 -32.12
C ASN A 228 -10.52 -13.84 -32.22
N ILE A 229 -9.89 -12.83 -31.60
CA ILE A 229 -10.26 -11.44 -31.90
C ILE A 229 -8.98 -10.66 -32.05
N GLU A 230 -9.04 -9.65 -32.90
CA GLU A 230 -7.89 -8.88 -33.27
C GLU A 230 -7.85 -7.61 -32.42
N ASN A 231 -6.62 -7.28 -32.02
CA ASN A 231 -6.30 -6.04 -31.31
C ASN A 231 -7.02 -4.80 -32.03
N GLU A 232 -7.21 -4.85 -33.34
CA GLU A 232 -7.91 -3.74 -34.01
C GLU A 232 -9.47 -3.59 -33.63
N GLU A 233 -10.11 -4.75 -33.44
CA GLU A 233 -11.54 -4.74 -33.14
C GLU A 233 -11.71 -4.30 -31.65
N ILE A 234 -10.73 -4.72 -30.85
CA ILE A 234 -10.65 -4.38 -29.36
C ILE A 234 -10.63 -2.86 -29.17
N ARG A 235 -9.77 -2.15 -29.92
CA ARG A 235 -9.73 -0.67 -29.80
C ARG A 235 -11.05 -0.03 -30.03
N GLU A 236 -11.70 -0.41 -31.14
CA GLU A 236 -12.90 0.19 -31.51
C GLU A 236 -13.97 -0.07 -30.46
N PHE A 237 -14.06 -1.30 -30.00
CA PHE A 237 -15.02 -1.58 -28.97
C PHE A 237 -14.81 -0.80 -27.69
N VAL A 238 -13.56 -0.81 -27.16
CA VAL A 238 -13.22 -0.17 -25.91
C VAL A 238 -13.40 1.32 -26.08
N LEU A 239 -12.96 1.87 -27.19
CA LEU A 239 -13.13 3.31 -27.32
C LEU A 239 -14.57 3.69 -27.34
N GLU A 240 -15.34 3.02 -28.17
CA GLU A 240 -16.74 3.42 -28.30
C GLU A 240 -17.63 2.99 -27.22
N ASN A 241 -17.49 1.75 -26.74
CA ASN A 241 -18.44 1.29 -25.68
C ASN A 241 -18.04 1.48 -24.20
N VAL A 242 -16.75 1.76 -23.97
CA VAL A 242 -16.33 2.08 -22.65
C VAL A 242 -15.82 3.49 -22.46
N ILE A 243 -14.70 3.80 -23.09
CA ILE A 243 -14.14 5.15 -22.93
C ILE A 243 -15.08 6.31 -23.17
N LYS A 244 -15.73 6.38 -24.34
CA LYS A 244 -16.61 7.43 -24.65
C LYS A 244 -17.88 7.35 -23.81
N LYS A 245 -18.21 6.18 -23.28
CA LYS A 245 -19.35 6.05 -22.38
C LYS A 245 -19.09 6.67 -21.00
N VAL A 246 -17.89 6.57 -20.41
CA VAL A 246 -17.69 7.08 -19.05
C VAL A 246 -16.83 8.27 -18.91
N CYS A 247 -16.08 8.70 -19.95
CA CYS A 247 -15.21 9.88 -19.88
C CYS A 247 -15.97 11.07 -20.49
N PRO A 248 -16.04 12.20 -19.81
CA PRO A 248 -16.77 13.36 -20.24
C PRO A 248 -16.22 13.88 -21.54
N SER A 249 -17.08 14.02 -22.53
CA SER A 249 -16.59 14.44 -23.82
C SER A 249 -15.96 15.87 -23.80
N ASP A 250 -16.32 16.72 -22.89
CA ASP A 250 -15.78 18.07 -22.87
C ASP A 250 -14.35 18.12 -22.25
N LEU A 251 -13.93 17.04 -21.62
CA LEU A 251 -12.49 16.86 -21.26
C LEU A 251 -11.64 16.10 -22.30
N MET A 252 -12.23 15.58 -23.37
CA MET A 252 -11.42 14.91 -24.45
C MET A 252 -11.29 15.66 -25.71
N ASP A 253 -10.16 15.58 -26.39
CA ASP A 253 -9.93 16.42 -27.51
C ASP A 253 -9.07 15.61 -28.42
N LYS A 254 -8.73 16.12 -29.59
CA LYS A 254 -8.08 15.32 -30.59
C LYS A 254 -6.65 15.05 -30.21
N GLU A 255 -6.11 15.72 -29.18
CA GLU A 255 -4.76 15.44 -28.66
C GLU A 255 -4.76 14.36 -27.56
N THR A 256 -5.93 14.05 -27.00
CA THR A 256 -5.99 13.03 -25.92
C THR A 256 -5.42 11.72 -26.52
N ARG A 257 -4.45 11.13 -25.85
CA ARG A 257 -3.73 9.97 -26.34
C ARG A 257 -4.45 8.74 -25.82
N ILE A 258 -4.92 7.88 -26.72
CA ILE A 258 -5.68 6.66 -26.40
C ILE A 258 -4.85 5.42 -26.67
N LEU A 259 -4.50 4.70 -25.62
CA LEU A 259 -3.64 3.57 -25.80
C LEU A 259 -4.42 2.32 -25.36
N ILE A 260 -4.60 1.38 -26.28
CA ILE A 260 -5.29 0.16 -26.01
C ILE A 260 -4.45 -1.05 -26.36
N ASN A 261 -4.32 -1.91 -25.36
CA ASN A 261 -3.38 -3.08 -25.42
C ASN A 261 -2.04 -2.65 -26.09
N PRO A 262 -1.40 -1.56 -25.62
CA PRO A 262 -0.20 -1.12 -26.36
C PRO A 262 0.97 -2.12 -26.24
N SER A 263 1.02 -2.98 -25.22
CA SER A 263 2.14 -3.95 -25.18
C SER A 263 1.95 -5.15 -26.10
N GLY A 264 0.82 -5.32 -26.80
CA GLY A 264 0.57 -6.53 -27.56
C GLY A 264 -0.63 -7.30 -27.16
N ARG A 265 -0.63 -8.53 -27.61
CA ARG A 265 -1.72 -9.43 -27.26
C ARG A 265 -1.82 -9.70 -25.76
N PHE A 266 -3.03 -9.96 -25.29
CA PHE A 266 -3.27 -10.20 -23.90
C PHE A 266 -4.32 -11.31 -23.87
N THR A 267 -3.89 -12.51 -24.21
CA THR A 267 -4.71 -13.71 -24.11
C THR A 267 -4.43 -14.52 -22.87
N ILE A 268 -3.18 -14.67 -22.49
CA ILE A 268 -2.81 -15.37 -21.25
C ILE A 268 -2.98 -14.31 -20.15
N GLY A 269 -3.65 -14.65 -19.06
CA GLY A 269 -3.81 -13.76 -17.93
C GLY A 269 -4.30 -14.51 -16.69
N GLY A 270 -4.82 -13.74 -15.78
CA GLY A 270 -5.14 -14.15 -14.42
C GLY A 270 -3.96 -14.70 -13.68
N PRO A 271 -4.26 -15.63 -12.76
CA PRO A 271 -3.25 -16.27 -11.91
C PRO A 271 -2.18 -17.00 -12.73
N ALA A 272 -2.56 -17.54 -13.91
CA ALA A 272 -1.66 -18.28 -14.76
C ALA A 272 -0.46 -17.46 -15.13
N ALA A 273 -0.67 -16.18 -15.41
CA ALA A 273 0.40 -15.25 -15.78
C ALA A 273 0.99 -14.49 -14.63
N ASP A 274 0.26 -14.32 -13.51
CA ASP A 274 0.74 -13.33 -12.48
C ASP A 274 0.13 -13.65 -11.14
N ALA A 275 0.94 -13.90 -10.13
CA ALA A 275 0.42 -14.27 -8.80
C ALA A 275 -0.48 -13.16 -8.22
N GLY A 276 -1.50 -13.54 -7.43
CA GLY A 276 -2.32 -12.56 -6.74
C GLY A 276 -2.32 -12.74 -5.25
N LEU A 277 -2.51 -11.66 -4.51
CA LEU A 277 -2.59 -11.67 -3.03
C LEU A 277 -3.60 -10.64 -2.59
N THR A 278 -4.31 -10.94 -1.53
CA THR A 278 -5.10 -9.88 -0.81
C THR A 278 -4.25 -8.68 -0.38
N GLY A 279 -4.83 -7.45 -0.47
CA GLY A 279 -4.22 -6.29 0.07
C GLY A 279 -3.07 -5.68 -0.72
N ARG A 280 -3.00 -6.00 -2.05
CA ARG A 280 -1.96 -5.54 -2.92
C ARG A 280 -2.53 -4.50 -3.93
N LYS A 281 -3.74 -3.96 -3.65
CA LYS A 281 -4.30 -2.91 -4.47
C LYS A 281 -4.85 -1.75 -3.56
N ILE A 282 -4.05 -1.35 -2.55
CA ILE A 282 -4.59 -0.47 -1.53
C ILE A 282 -4.78 0.95 -2.04
N ILE A 283 -4.06 1.30 -3.13
CA ILE A 283 -4.20 2.65 -3.70
C ILE A 283 -5.35 2.67 -4.71
N VAL A 284 -5.46 1.63 -5.52
CA VAL A 284 -6.75 1.39 -6.31
C VAL A 284 -7.99 1.40 -5.38
N ASP A 285 -7.86 0.77 -4.20
CA ASP A 285 -8.94 0.71 -3.24
C ASP A 285 -9.36 2.07 -2.67
N THR A 286 -8.48 3.09 -2.74
CA THR A 286 -8.63 4.27 -2.02
C THR A 286 -8.67 5.72 -2.53
N TYR A 287 -7.57 6.26 -3.04
CA TYR A 287 -7.56 7.57 -3.71
C TYR A 287 -6.65 7.70 -4.92
N GLY A 288 -6.11 6.59 -5.43
CA GLY A 288 -5.38 6.75 -6.68
C GLY A 288 -4.14 7.60 -6.69
N GLY A 289 -3.48 7.68 -5.57
CA GLY A 289 -2.20 8.37 -5.45
C GLY A 289 -2.42 9.77 -4.85
N TRP A 290 -3.67 10.24 -4.80
CA TRP A 290 -3.98 11.48 -4.15
C TRP A 290 -4.08 11.18 -2.65
N GLY A 291 -4.05 12.23 -1.88
CA GLY A 291 -4.20 12.05 -0.42
C GLY A 291 -3.03 11.25 0.16
N ALA A 292 -3.32 10.26 0.98
CA ALA A 292 -2.23 9.46 1.57
C ALA A 292 -2.79 8.11 1.99
N HIS A 293 -1.91 7.19 2.41
CA HIS A 293 -2.32 5.91 2.91
C HIS A 293 -1.49 5.55 4.11
N GLY A 294 -2.14 4.91 5.07
CA GLY A 294 -1.46 4.43 6.26
C GLY A 294 -0.85 3.04 6.13
N GLY A 295 -1.21 2.28 5.08
CA GLY A 295 -0.56 1.02 4.79
C GLY A 295 -1.42 -0.20 4.94
N GLY A 296 -2.51 -0.06 5.66
CA GLY A 296 -3.28 -1.28 5.98
C GLY A 296 -4.23 -1.65 4.78
N ALA A 297 -4.35 -2.92 4.50
CA ALA A 297 -5.40 -3.39 3.59
C ALA A 297 -6.78 -3.41 4.19
N PHE A 298 -7.82 -3.53 3.34
CA PHE A 298 -9.17 -3.52 3.86
C PHE A 298 -9.78 -4.92 3.79
N SER A 299 -9.61 -5.61 2.64
CA SER A 299 -10.41 -6.81 2.40
C SER A 299 -10.02 -8.00 3.26
N GLY A 300 -10.99 -8.80 3.67
CA GLY A 300 -10.81 -9.92 4.52
C GLY A 300 -10.86 -9.62 6.00
N LYS A 301 -10.98 -8.31 6.36
CA LYS A 301 -10.97 -7.90 7.74
C LYS A 301 -12.34 -7.37 8.27
N ASP A 302 -12.82 -7.88 9.39
CA ASP A 302 -14.01 -7.31 10.00
C ASP A 302 -13.72 -5.94 10.51
N ALA A 303 -14.76 -5.29 10.94
CA ALA A 303 -14.66 -3.87 11.26
C ALA A 303 -13.93 -3.54 12.60
N THR A 304 -13.59 -4.54 13.37
CA THR A 304 -12.74 -4.26 14.62
C THR A 304 -11.27 -4.06 14.20
N LYS A 305 -10.91 -4.30 12.92
CA LYS A 305 -9.57 -3.89 12.41
C LYS A 305 -9.67 -2.43 12.07
N VAL A 306 -8.97 -1.58 12.80
CA VAL A 306 -9.16 -0.17 12.60
C VAL A 306 -8.55 0.28 11.26
N ASP A 307 -7.69 -0.55 10.71
CA ASP A 307 -7.22 -0.24 9.32
C ASP A 307 -8.42 -0.05 8.37
N ARG A 308 -9.49 -0.81 8.53
CA ARG A 308 -10.66 -0.64 7.67
C ARG A 308 -11.62 0.38 8.26
N SER A 309 -12.04 0.20 9.52
CA SER A 309 -13.08 1.05 10.10
C SER A 309 -12.59 2.49 10.29
N GLY A 310 -11.35 2.65 10.68
CA GLY A 310 -10.76 4.04 10.83
C GLY A 310 -10.64 4.77 9.53
N ALA A 311 -10.30 4.06 8.47
CA ALA A 311 -10.21 4.73 7.13
C ALA A 311 -11.57 5.10 6.63
N TYR A 312 -12.56 4.22 6.89
CA TYR A 312 -13.91 4.55 6.48
C TYR A 312 -14.45 5.77 7.27
N MET A 313 -14.22 5.86 8.59
CA MET A 313 -14.68 7.05 9.30
C MET A 313 -13.87 8.27 8.79
N ALA A 314 -12.59 8.10 8.52
CA ALA A 314 -11.79 9.19 8.13
C ALA A 314 -12.32 9.79 6.76
N ARG A 315 -12.78 8.89 5.87
CA ARG A 315 -13.40 9.29 4.57
C ARG A 315 -14.64 10.08 4.87
N LEU A 316 -15.48 9.58 5.78
CA LEU A 316 -16.74 10.33 6.15
C LEU A 316 -16.44 11.73 6.59
N VAL A 317 -15.42 11.85 7.49
CA VAL A 317 -15.06 13.19 7.94
C VAL A 317 -14.60 14.11 6.78
N ALA A 318 -13.66 13.66 5.98
CA ALA A 318 -13.16 14.52 4.88
C ALA A 318 -14.27 14.86 3.94
N LYS A 319 -15.12 13.91 3.68
CA LYS A 319 -16.17 14.12 2.70
C LYS A 319 -17.20 15.13 3.28
N SER A 320 -17.51 14.98 4.55
CA SER A 320 -18.47 15.95 5.25
C SER A 320 -17.96 17.37 5.24
N ILE A 321 -16.65 17.52 5.47
CA ILE A 321 -16.04 18.84 5.48
C ILE A 321 -16.15 19.54 4.10
N VAL A 322 -15.79 18.85 3.01
CA VAL A 322 -15.89 19.33 1.65
C VAL A 322 -17.34 19.52 1.26
N PHE A 323 -18.20 18.58 1.56
CA PHE A 323 -19.66 18.69 1.26
C PHE A 323 -20.32 19.86 1.94
N SER A 324 -19.81 20.24 3.10
CA SER A 324 -20.37 21.33 3.80
C SER A 324 -19.90 22.66 3.28
N GLY A 325 -19.02 22.71 2.31
CA GLY A 325 -18.53 23.96 1.72
C GLY A 325 -17.43 24.61 2.58
N LEU A 326 -16.83 23.84 3.50
CA LEU A 326 -15.80 24.39 4.40
C LEU A 326 -14.40 24.42 3.83
N CYS A 327 -14.21 23.75 2.69
CA CYS A 327 -12.97 23.74 1.96
C CYS A 327 -13.24 23.00 0.65
N SER A 328 -12.29 23.02 -0.27
CA SER A 328 -12.39 22.27 -1.55
C SER A 328 -11.74 20.91 -1.54
N ARG A 329 -10.75 20.72 -0.67
CA ARG A 329 -10.02 19.47 -0.57
C ARG A 329 -9.65 19.29 0.86
N CYS A 330 -9.58 18.05 1.33
CA CYS A 330 -9.34 17.80 2.78
C CYS A 330 -8.69 16.42 2.96
N LEU A 331 -7.65 16.33 3.77
CA LEU A 331 -7.00 15.09 4.22
C LEU A 331 -7.13 14.98 5.70
N VAL A 332 -7.50 13.81 6.17
CA VAL A 332 -7.59 13.54 7.59
C VAL A 332 -6.70 12.38 7.93
N GLN A 333 -5.85 12.45 8.98
CA GLN A 333 -5.16 11.28 9.49
C GLN A 333 -5.69 10.95 10.90
N VAL A 334 -6.00 9.68 11.19
CA VAL A 334 -6.21 9.27 12.57
C VAL A 334 -5.19 8.18 12.89
N SER A 335 -4.74 8.06 14.14
CA SER A 335 -3.76 7.13 14.53
CA SER A 335 -3.87 6.99 14.48
C SER A 335 -4.21 6.49 15.88
N TYR A 336 -3.94 5.19 16.05
CA TYR A 336 -4.37 4.38 17.18
C TYR A 336 -3.22 3.72 17.84
N GLY A 337 -3.43 3.36 19.10
CA GLY A 337 -2.56 2.50 19.88
C GLY A 337 -3.29 1.27 20.20
N ALA A 338 -2.58 0.17 20.16
CA ALA A 338 -3.21 -1.08 20.51
C ALA A 338 -3.66 -1.07 21.95
N GLY A 339 -4.89 -1.49 22.12
CA GLY A 339 -5.46 -1.63 23.47
C GLY A 339 -6.07 -0.38 23.94
N ILE A 340 -6.00 0.68 23.17
CA ILE A 340 -6.38 1.97 23.58
C ILE A 340 -7.60 2.53 22.83
N ALA A 341 -8.62 3.05 23.53
CA ALA A 341 -9.90 3.37 22.82
C ALA A 341 -9.84 4.73 22.05
N ARG A 342 -9.40 5.80 22.70
CA ARG A 342 -9.32 7.03 21.98
C ARG A 342 -8.05 7.06 21.11
N PRO A 343 -8.18 7.65 19.95
CA PRO A 343 -7.01 7.75 19.01
C PRO A 343 -5.85 8.47 19.69
N LEU A 344 -4.64 8.07 19.38
CA LEU A 344 -3.47 8.82 19.85
C LEU A 344 -3.36 10.19 19.18
N SER A 345 -3.85 10.37 17.96
CA SER A 345 -3.73 11.64 17.28
C SER A 345 -4.84 11.74 16.17
N LEU A 346 -5.16 12.97 15.79
CA LEU A 346 -6.05 13.29 14.70
C LEU A 346 -5.46 14.52 14.04
N TYR A 347 -5.53 14.62 12.72
CA TYR A 347 -4.87 15.65 11.90
C TYR A 347 -5.83 16.00 10.76
N ILE A 348 -6.04 17.28 10.47
CA ILE A 348 -6.85 17.76 9.28
C ILE A 348 -5.98 18.75 8.50
N ASN A 349 -5.91 18.58 7.18
CA ASN A 349 -5.25 19.53 6.31
C ASN A 349 -6.17 19.86 5.17
N THR A 350 -6.40 21.15 4.94
CA THR A 350 -7.28 21.55 3.84
C THR A 350 -6.51 22.25 2.72
N PHE A 351 -5.16 22.24 2.77
CA PHE A 351 -4.31 22.58 1.59
C PHE A 351 -4.43 24.02 1.22
N GLY A 352 -4.76 24.81 2.22
CA GLY A 352 -5.05 26.20 2.12
C GLY A 352 -6.38 26.54 1.49
N THR A 353 -7.33 25.59 1.33
CA THR A 353 -8.58 25.84 0.64
C THR A 353 -9.75 26.14 1.60
N ALA A 354 -9.44 26.30 2.88
CA ALA A 354 -10.50 26.58 3.87
C ALA A 354 -11.26 27.83 3.57
N LYS A 355 -12.54 27.77 3.82
CA LYS A 355 -13.45 28.91 3.67
C LYS A 355 -13.06 30.02 4.66
N ASP A 356 -13.44 31.21 4.32
CA ASP A 356 -13.30 32.33 5.21
C ASP A 356 -13.80 31.99 6.63
N GLY A 357 -13.05 32.38 7.63
CA GLY A 357 -13.42 32.11 9.01
C GLY A 357 -13.10 30.71 9.51
N TYR A 358 -12.59 29.81 8.66
CA TYR A 358 -12.20 28.48 9.11
C TYR A 358 -10.70 28.33 8.89
N ASN A 359 -10.07 27.41 9.62
CA ASN A 359 -8.69 27.03 9.44
C ASN A 359 -8.62 25.61 10.00
N ASP A 360 -7.46 24.98 9.86
CA ASP A 360 -7.35 23.58 10.23
C ASP A 360 -7.51 23.33 11.75
N THR A 361 -7.11 24.29 12.56
CA THR A 361 -7.30 24.24 13.99
C THR A 361 -8.82 24.26 14.37
N LYS A 362 -9.58 25.21 13.83
CA LYS A 362 -11.00 25.27 14.07
C LYS A 362 -11.70 24.01 13.52
N LEU A 363 -11.27 23.51 12.38
CA LEU A 363 -11.91 22.36 11.79
C LEU A 363 -11.68 21.10 12.65
N LEU A 364 -10.48 20.98 13.21
CA LEU A 364 -10.20 19.90 14.10
C LEU A 364 -11.09 20.00 15.35
N GLU A 365 -11.29 21.19 15.85
CA GLU A 365 -12.20 21.36 17.01
C GLU A 365 -13.68 20.98 16.60
N ILE A 366 -14.10 21.43 15.44
CA ILE A 366 -15.43 21.00 14.99
C ILE A 366 -15.61 19.51 14.80
N VAL A 367 -14.62 18.86 14.20
CA VAL A 367 -14.62 17.42 14.06
C VAL A 367 -14.71 16.65 15.37
N ASN A 368 -13.90 17.11 16.35
CA ASN A 368 -13.89 16.52 17.67
C ASN A 368 -15.21 16.76 18.42
N LYS A 369 -15.95 17.81 18.11
CA LYS A 369 -17.32 17.93 18.59
C LYS A 369 -18.31 16.95 18.00
N VAL A 370 -18.20 16.65 16.74
CA VAL A 370 -19.21 15.86 16.04
C VAL A 370 -18.89 14.36 15.89
N PHE A 371 -17.62 14.02 15.62
CA PHE A 371 -17.32 12.64 15.27
C PHE A 371 -16.59 11.96 16.42
N ASP A 372 -16.69 10.65 16.49
CA ASP A 372 -16.12 9.86 17.54
C ASP A 372 -15.40 8.67 16.89
N PHE A 373 -14.08 8.66 17.06
CA PHE A 373 -13.27 7.66 16.40
C PHE A 373 -12.96 6.55 17.34
N ARG A 374 -13.57 6.50 18.54
CA ARG A 374 -13.38 5.26 19.33
C ARG A 374 -13.94 4.06 18.57
N PRO A 375 -13.21 2.92 18.52
CA PRO A 375 -13.56 1.86 17.50
C PRO A 375 -14.94 1.22 17.77
N GLY A 376 -15.30 1.02 19.05
CA GLY A 376 -16.66 0.45 19.31
C GLY A 376 -17.80 1.40 18.81
N ILE A 377 -17.57 2.72 18.89
CA ILE A 377 -18.54 3.75 18.45
C ILE A 377 -18.52 3.87 17.00
N LEU A 378 -17.31 3.79 16.44
CA LEU A 378 -17.18 3.77 15.00
C LEU A 378 -18.03 2.74 14.29
N ILE A 379 -17.89 1.53 14.74
CA ILE A 379 -18.57 0.41 14.14
C ILE A 379 -20.06 0.46 14.20
N LYS A 380 -20.54 0.91 15.34
CA LYS A 380 -21.97 1.07 15.52
C LYS A 380 -22.55 2.23 14.66
N GLN A 381 -21.88 3.40 14.61
N GLN A 381 -21.83 3.34 14.65
CA GLN A 381 -22.38 4.52 13.74
CA GLN A 381 -22.19 4.46 13.83
C GLN A 381 -22.33 4.17 12.25
C GLN A 381 -22.36 4.07 12.39
N LEU A 382 -21.41 3.31 11.85
CA LEU A 382 -21.33 2.97 10.39
C LEU A 382 -21.96 1.59 10.01
N ASN A 383 -22.55 0.96 10.98
CA ASN A 383 -23.28 -0.28 10.84
C ASN A 383 -22.34 -1.33 10.23
N LEU A 384 -21.09 -1.45 10.73
CA LEU A 384 -20.06 -2.22 10.05
C LEU A 384 -20.10 -3.72 10.38
N LYS A 385 -21.11 -4.17 11.15
CA LYS A 385 -21.29 -5.60 11.35
C LYS A 385 -22.20 -6.26 10.31
N SER A 386 -22.69 -5.49 9.40
CA SER A 386 -23.54 -5.97 8.37
C SER A 386 -22.69 -6.58 7.21
N PRO A 387 -23.18 -7.67 6.58
CA PRO A 387 -22.44 -8.33 5.45
C PRO A 387 -22.53 -7.54 4.13
N ILE A 388 -21.86 -6.40 4.08
CA ILE A 388 -21.92 -5.47 2.98
C ILE A 388 -20.59 -5.38 2.30
N PHE A 389 -19.58 -6.10 2.81
CA PHE A 389 -18.21 -5.88 2.32
C PHE A 389 -17.81 -6.41 0.96
N LYS A 390 -18.48 -7.43 0.44
CA LYS A 390 -18.14 -8.00 -0.86
C LYS A 390 -18.29 -6.97 -1.96
N LYS A 391 -19.23 -6.06 -1.81
CA LYS A 391 -19.44 -4.95 -2.77
C LYS A 391 -18.31 -3.96 -2.78
N THR A 392 -17.60 -3.80 -1.65
CA THR A 392 -16.50 -2.92 -1.64
C THR A 392 -15.24 -3.39 -2.32
N SER A 393 -15.08 -4.69 -2.48
CA SER A 393 -13.80 -5.34 -2.82
C SER A 393 -13.42 -5.25 -4.34
N SER A 394 -14.28 -4.66 -5.16
CA SER A 394 -13.86 -4.16 -6.47
C SER A 394 -14.59 -2.89 -6.74
N GLY A 395 -13.99 -2.02 -7.53
CA GLY A 395 -14.61 -0.75 -7.79
C GLY A 395 -14.24 0.42 -6.87
N GLY A 396 -13.36 0.21 -5.90
CA GLY A 396 -12.96 1.25 -4.97
C GLY A 396 -13.91 1.20 -3.74
N HIS A 397 -13.36 1.56 -2.58
CA HIS A 397 -14.12 1.69 -1.34
C HIS A 397 -14.82 3.01 -1.21
N PHE A 398 -14.32 4.03 -1.91
CA PHE A 398 -14.75 5.40 -1.72
C PHE A 398 -15.31 6.04 -3.01
N GLY A 399 -16.15 7.08 -2.85
CA GLY A 399 -16.84 7.72 -3.99
C GLY A 399 -17.98 6.84 -4.45
N ARG A 400 -18.49 5.95 -3.62
CA ARG A 400 -19.43 4.91 -4.03
C ARG A 400 -20.84 5.36 -3.69
N SER A 401 -21.83 5.02 -4.48
CA SER A 401 -23.19 5.53 -4.21
C SER A 401 -24.10 4.57 -3.45
N GLU A 402 -23.68 3.33 -3.22
CA GLU A 402 -24.54 2.29 -2.65
C GLU A 402 -25.14 2.76 -1.33
N LYS A 403 -26.43 2.47 -1.13
CA LYS A 403 -27.03 2.98 0.06
C LYS A 403 -26.41 2.40 1.39
N GLU A 404 -25.80 1.24 1.29
CA GLU A 404 -25.33 0.49 2.46
C GLU A 404 -24.00 1.07 3.01
N PHE A 405 -23.33 1.93 2.24
CA PHE A 405 -22.02 2.57 2.63
C PHE A 405 -22.21 3.90 3.33
N LEU A 406 -22.40 3.80 4.69
CA LEU A 406 -22.75 5.00 5.47
C LEU A 406 -21.59 5.98 5.51
N TRP A 407 -20.38 5.53 5.16
CA TRP A 407 -19.24 6.46 5.20
C TRP A 407 -19.20 7.39 4.04
N GLU A 408 -20.10 7.15 3.06
CA GLU A 408 -20.28 8.03 1.91
C GLU A 408 -21.47 8.97 2.00
N LYS A 409 -22.10 9.02 3.16
CA LYS A 409 -23.29 9.89 3.32
C LYS A 409 -22.92 11.09 4.18
N PRO A 410 -22.56 12.25 3.57
CA PRO A 410 -21.94 13.29 4.43
C PRO A 410 -22.87 13.99 5.40
N ILE A 411 -22.29 14.51 6.50
CA ILE A 411 -22.94 15.32 7.56
C ILE A 411 -22.72 16.76 7.22
N ILE A 412 -23.74 17.60 7.46
CA ILE A 412 -23.56 19.01 7.31
C ILE A 412 -22.87 19.51 8.59
N LEU A 413 -21.77 20.25 8.41
CA LEU A 413 -20.97 20.81 9.47
C LEU A 413 -20.80 22.30 9.29
N GLN A 414 -20.59 23.05 10.39
CA GLN A 414 -20.34 24.51 10.34
C GLN A 414 -19.65 25.13 11.56
N GLU B 29 -1.05 27.02 14.25
CA GLU B 29 -0.68 26.18 13.15
C GLU B 29 0.27 25.08 13.57
N GLN B 30 -0.11 24.36 14.61
CA GLN B 30 0.59 23.21 15.08
C GLN B 30 -0.29 22.00 14.78
N PHE B 31 0.30 20.86 14.50
CA PHE B 31 -0.49 19.65 14.33
C PHE B 31 0.30 18.39 14.75
N LEU B 32 -0.41 17.26 14.95
CA LEU B 32 0.15 15.97 15.22
C LEU B 32 0.11 15.05 14.01
N PHE B 33 1.16 14.28 13.81
CA PHE B 33 1.18 13.34 12.70
C PHE B 33 1.97 12.13 13.14
N SER B 34 1.52 10.95 12.73
CA SER B 34 2.14 9.63 13.14
C SER B 34 2.70 8.85 11.99
N SER B 35 3.83 8.16 12.22
CA SER B 35 4.22 7.07 11.31
C SER B 35 4.56 5.86 12.15
N GLU B 36 4.57 4.70 11.47
CA GLU B 36 4.98 3.46 12.11
C GLU B 36 6.13 2.74 11.42
N SER B 37 6.66 1.74 12.14
CA SER B 37 7.55 0.74 11.58
C SER B 37 7.28 -0.62 12.21
N VAL B 38 7.88 -1.67 11.63
CA VAL B 38 7.75 -3.03 12.20
C VAL B 38 9.15 -3.65 12.26
N CYS B 39 9.29 -4.63 13.11
CA CYS B 39 10.54 -5.35 13.23
C CYS B 39 10.71 -6.34 12.08
N SER B 40 11.92 -6.86 11.91
CA SER B 40 12.23 -7.84 10.88
C SER B 40 11.41 -9.09 10.99
N GLY B 41 11.11 -9.50 12.22
CA GLY B 41 10.30 -10.64 12.51
C GLY B 41 8.81 -10.45 12.29
N HIS B 42 8.35 -9.23 12.03
CA HIS B 42 6.91 -9.09 11.76
C HIS B 42 6.58 -10.02 10.57
N PRO B 43 5.42 -10.75 10.57
CA PRO B 43 5.19 -11.74 9.53
C PRO B 43 5.20 -11.22 8.12
N ASP B 44 4.68 -10.01 7.89
CA ASP B 44 4.74 -9.41 6.57
C ASP B 44 6.18 -9.04 6.19
N LYS B 45 6.94 -8.43 7.13
CA LYS B 45 8.33 -8.09 6.77
C LYS B 45 9.19 -9.32 6.55
N LEU B 46 8.91 -10.39 7.27
CA LEU B 46 9.54 -11.73 7.04
C LEU B 46 9.37 -12.17 5.60
N CYS B 47 8.17 -12.00 5.07
CA CYS B 47 7.91 -12.36 3.67
C CYS B 47 8.67 -11.44 2.68
N ASP B 48 8.69 -10.16 2.96
CA ASP B 48 9.51 -9.20 2.10
C ASP B 48 10.99 -9.66 2.04
N GLN B 49 11.54 -10.02 3.20
CA GLN B 49 12.93 -10.39 3.26
C GLN B 49 13.23 -11.71 2.55
N ILE B 50 12.35 -12.73 2.70
CA ILE B 50 12.49 -13.95 1.90
C ILE B 50 12.45 -13.67 0.38
N SER B 51 11.46 -12.90 -0.02
CA SER B 51 11.27 -12.46 -1.41
C SER B 51 12.56 -11.80 -2.00
N ASP B 52 13.19 -10.94 -1.25
CA ASP B 52 14.40 -10.34 -1.72
C ASP B 52 15.63 -11.20 -1.48
N ALA B 53 15.67 -12.10 -0.52
CA ALA B 53 16.75 -13.10 -0.44
C ALA B 53 16.78 -13.92 -1.71
N ILE B 54 15.59 -14.30 -2.18
CA ILE B 54 15.54 -15.14 -3.37
C ILE B 54 15.93 -14.34 -4.67
N LEU B 55 15.44 -13.12 -4.75
CA LEU B 55 15.85 -12.22 -5.84
C LEU B 55 17.41 -12.09 -5.88
N ASP B 56 18.00 -11.75 -4.74
CA ASP B 56 19.48 -11.68 -4.69
C ASP B 56 20.18 -12.96 -5.10
N ALA B 57 19.66 -14.14 -4.68
CA ALA B 57 20.28 -15.42 -5.02
C ALA B 57 20.31 -15.63 -6.57
N CYS B 58 19.20 -15.24 -7.24
CA CYS B 58 19.12 -15.30 -8.67
C CYS B 58 20.08 -14.33 -9.31
N LEU B 59 20.03 -13.10 -8.87
CA LEU B 59 20.94 -12.09 -9.43
C LEU B 59 22.48 -12.41 -9.29
N GLU B 60 22.89 -12.97 -8.16
CA GLU B 60 24.31 -13.30 -7.97
C GLU B 60 24.82 -14.19 -9.04
N GLN B 61 24.00 -15.12 -9.54
CA GLN B 61 24.46 -16.02 -10.62
C GLN B 61 24.05 -15.52 -12.01
N ASP B 62 22.87 -14.89 -12.11
CA ASP B 62 22.32 -14.37 -13.39
C ASP B 62 21.81 -12.95 -13.22
N PRO B 63 22.63 -11.94 -13.57
CA PRO B 63 22.20 -10.54 -13.44
C PRO B 63 21.01 -10.17 -14.32
N GLU B 64 20.74 -10.95 -15.35
CA GLU B 64 19.58 -10.69 -16.24
C GLU B 64 18.32 -11.41 -15.76
N SER B 65 18.30 -11.98 -14.56
CA SER B 65 17.13 -12.75 -14.09
C SER B 65 15.77 -11.90 -14.08
N PHE B 66 14.63 -12.51 -14.39
CA PHE B 66 13.37 -11.82 -14.24
C PHE B 66 12.78 -12.49 -13.02
N VAL B 67 12.47 -11.68 -11.98
CA VAL B 67 11.99 -12.25 -10.70
C VAL B 67 10.73 -11.48 -10.23
N ALA B 68 9.72 -12.26 -9.84
CA ALA B 68 8.49 -11.77 -9.25
C ALA B 68 8.09 -12.76 -8.15
N CYS B 69 8.82 -12.71 -7.05
CA CYS B 69 8.72 -13.75 -6.05
C CYS B 69 7.94 -13.29 -4.86
N GLU B 70 6.79 -13.89 -4.65
CA GLU B 70 5.89 -13.48 -3.56
C GLU B 70 6.02 -14.52 -2.49
N THR B 71 5.77 -14.16 -1.25
CA THR B 71 5.92 -15.08 -0.10
C THR B 71 4.73 -14.90 0.78
N CYS B 72 4.20 -15.99 1.31
CA CYS B 72 3.24 -15.88 2.37
C CYS B 72 3.53 -16.89 3.46
N THR B 73 2.96 -16.63 4.67
CA THR B 73 3.20 -17.50 5.80
C THR B 73 2.00 -17.51 6.75
N LYS B 74 1.85 -18.59 7.43
CA LYS B 74 0.92 -18.82 8.51
C LYS B 74 1.52 -20.06 9.26
N THR B 75 0.96 -20.34 10.40
CA THR B 75 1.39 -21.42 11.27
C THR B 75 2.05 -22.56 10.57
N GLY B 76 3.30 -22.78 10.93
CA GLY B 76 4.09 -23.86 10.43
C GLY B 76 4.46 -23.92 8.99
N PHE B 77 4.20 -22.87 8.23
CA PHE B 77 4.55 -22.91 6.82
C PHE B 77 4.95 -21.57 6.20
N ILE B 78 5.79 -21.69 5.20
CA ILE B 78 6.01 -20.63 4.24
C ILE B 78 5.77 -21.11 2.83
N MET B 79 5.16 -20.28 1.98
CA MET B 79 5.02 -20.55 0.57
C MET B 79 5.59 -19.42 -0.32
N VAL B 80 6.40 -19.78 -1.31
CA VAL B 80 6.98 -18.81 -2.26
C VAL B 80 6.36 -19.20 -3.56
N PHE B 81 5.89 -18.19 -4.26
CA PHE B 81 5.10 -18.42 -5.47
C PHE B 81 5.19 -17.23 -6.44
N GLY B 82 4.99 -17.45 -7.73
CA GLY B 82 5.16 -16.32 -8.65
C GLY B 82 5.94 -16.80 -9.87
N GLU B 83 6.68 -15.90 -10.49
CA GLU B 83 7.31 -16.13 -11.77
C GLU B 83 8.80 -15.72 -11.73
N ILE B 84 9.64 -16.68 -12.16
CA ILE B 84 11.09 -16.47 -12.27
C ILE B 84 11.60 -17.02 -13.61
N THR B 85 12.27 -16.15 -14.36
CA THR B 85 13.05 -16.56 -15.60
C THR B 85 14.48 -16.27 -15.35
N THR B 86 15.27 -17.34 -15.19
CA THR B 86 16.62 -17.23 -14.77
C THR B 86 17.52 -18.37 -15.26
N LYS B 87 18.84 -18.12 -15.26
CA LYS B 87 19.79 -19.22 -15.49
C LYS B 87 20.38 -19.67 -14.20
N ALA B 88 20.08 -18.99 -13.12
CA ALA B 88 20.65 -19.30 -11.83
C ALA B 88 20.12 -20.64 -11.39
N ASN B 89 20.89 -21.33 -10.60
CA ASN B 89 20.45 -22.61 -10.08
C ASN B 89 20.42 -22.33 -8.55
N VAL B 90 19.23 -22.01 -8.01
CA VAL B 90 19.03 -21.52 -6.63
C VAL B 90 18.26 -22.62 -5.88
N ASN B 91 18.77 -23.05 -4.71
CA ASN B 91 17.98 -23.92 -3.83
C ASN B 91 17.03 -23.03 -3.04
N TYR B 92 15.84 -22.78 -3.61
CA TYR B 92 14.91 -21.84 -3.02
C TYR B 92 14.57 -22.22 -1.56
N GLU B 93 14.29 -23.50 -1.33
CA GLU B 93 13.98 -24.01 -0.01
C GLU B 93 15.08 -23.67 0.96
N ARG B 94 16.31 -23.88 0.56
CA ARG B 94 17.41 -23.58 1.43
C ARG B 94 17.49 -22.11 1.75
N VAL B 95 17.26 -21.27 0.76
CA VAL B 95 17.29 -19.84 0.97
C VAL B 95 16.22 -19.39 1.98
N VAL B 96 15.04 -19.97 1.86
CA VAL B 96 13.95 -19.68 2.77
C VAL B 96 14.33 -19.99 4.20
N ARG B 97 14.79 -21.21 4.42
CA ARG B 97 15.18 -21.65 5.75
C ARG B 97 16.27 -20.81 6.34
N GLU B 98 17.28 -20.47 5.55
CA GLU B 98 18.35 -19.64 6.03
C GLU B 98 17.90 -18.27 6.42
N THR B 99 17.00 -17.68 5.62
CA THR B 99 16.55 -16.34 5.91
C THR B 99 15.74 -16.34 7.25
N VAL B 100 14.95 -17.39 7.45
CA VAL B 100 14.14 -17.50 8.64
C VAL B 100 15.03 -17.66 9.85
N LYS B 101 16.09 -18.46 9.67
CA LYS B 101 17.00 -18.71 10.72
C LYS B 101 17.69 -17.44 11.13
N GLU B 102 18.26 -16.66 10.19
CA GLU B 102 18.91 -15.38 10.51
C GLU B 102 17.97 -14.39 11.25
N ILE B 103 16.66 -14.42 10.98
CA ILE B 103 15.80 -13.46 11.64
C ILE B 103 15.46 -13.91 13.08
N GLY B 104 15.65 -15.20 13.35
CA GLY B 104 15.57 -15.75 14.69
C GLY B 104 14.37 -16.63 14.95
N TYR B 105 13.64 -17.07 13.92
CA TYR B 105 12.53 -17.99 14.13
C TYR B 105 12.97 -19.45 14.18
N ASP B 106 13.38 -19.85 15.38
CA ASP B 106 13.99 -21.16 15.57
C ASP B 106 13.22 -22.01 16.57
N SER B 107 11.96 -21.71 16.83
CA SER B 107 11.13 -22.60 17.68
C SER B 107 9.63 -22.37 17.51
N GLU B 108 8.79 -23.38 17.75
CA GLU B 108 7.36 -23.21 17.53
C GLU B 108 6.77 -22.16 18.51
N GLU B 109 7.33 -22.08 19.71
CA GLU B 109 6.88 -21.12 20.74
C GLU B 109 7.14 -19.68 20.34
N LYS B 110 8.11 -19.42 19.50
CA LYS B 110 8.29 -18.07 19.05
C LYS B 110 7.41 -17.72 17.92
N GLY B 111 6.79 -18.72 17.28
CA GLY B 111 5.81 -18.48 16.16
C GLY B 111 6.14 -19.18 14.85
N LEU B 112 7.38 -19.70 14.74
CA LEU B 112 7.76 -20.37 13.55
C LEU B 112 9.13 -21.01 13.84
N ASP B 113 9.37 -22.21 13.35
CA ASP B 113 10.69 -22.85 13.46
C ASP B 113 11.22 -23.19 12.07
N TYR B 114 12.38 -22.59 11.67
CA TYR B 114 12.89 -22.78 10.34
C TYR B 114 13.25 -24.27 10.12
N LYS B 115 13.59 -24.96 11.23
CA LYS B 115 13.94 -26.39 11.11
C LYS B 115 12.77 -27.27 10.70
N THR B 116 11.56 -27.01 11.23
CA THR B 116 10.38 -27.88 11.09
C THR B 116 9.33 -27.42 10.11
N MET B 117 9.23 -26.13 9.88
CA MET B 117 8.24 -25.62 8.98
C MET B 117 8.27 -26.26 7.61
N ASP B 118 7.11 -26.30 7.03
CA ASP B 118 6.96 -26.72 5.68
C ASP B 118 7.35 -25.55 4.76
N VAL B 119 8.05 -25.81 3.66
CA VAL B 119 8.32 -24.84 2.61
C VAL B 119 7.71 -25.30 1.30
N ILE B 120 6.81 -24.52 0.74
CA ILE B 120 6.10 -24.89 -0.46
C ILE B 120 6.61 -23.98 -1.54
N ILE B 121 7.02 -24.52 -2.66
CA ILE B 121 7.57 -23.77 -3.79
C ILE B 121 6.63 -23.82 -5.01
N LYS B 122 6.15 -22.70 -5.51
CA LYS B 122 5.26 -22.71 -6.67
C LYS B 122 5.69 -21.62 -7.57
N LEU B 123 6.91 -21.76 -8.03
CA LEU B 123 7.47 -20.81 -8.90
C LEU B 123 7.48 -21.33 -10.35
N GLU B 124 6.92 -20.56 -11.27
CA GLU B 124 6.87 -20.94 -12.69
C GLU B 124 7.63 -19.94 -13.46
N GLN B 125 7.64 -20.16 -14.73
CA GLN B 125 8.26 -19.28 -15.67
C GLN B 125 7.36 -18.03 -15.97
N GLN B 126 8.00 -16.88 -16.19
CA GLN B 126 7.32 -15.65 -16.48
C GLN B 126 6.44 -15.88 -17.70
N SER B 127 5.22 -15.31 -17.77
CA SER B 127 4.36 -15.35 -19.00
C SER B 127 5.12 -15.03 -20.33
N ASN B 128 4.76 -15.78 -21.38
CA ASN B 128 5.27 -15.62 -22.77
C ASN B 128 4.96 -14.22 -23.33
N GLN B 129 3.78 -13.72 -23.00
CA GLN B 129 3.40 -12.35 -23.33
C GLN B 129 3.98 -11.32 -22.32
N HIS B 135 10.67 -9.44 -30.66
CA HIS B 135 11.32 -9.94 -31.86
C HIS B 135 12.31 -8.94 -32.50
N VAL B 136 11.87 -7.68 -32.71
CA VAL B 136 12.69 -6.56 -33.27
C VAL B 136 13.86 -6.14 -32.33
N ASP B 137 15.03 -5.95 -32.91
CA ASP B 137 16.23 -5.68 -32.15
C ASP B 137 16.03 -4.29 -31.50
N LYS B 138 16.36 -4.12 -30.20
CA LYS B 138 16.15 -2.83 -29.41
C LYS B 138 17.44 -2.37 -28.68
N ASN B 139 17.69 -1.08 -28.59
CA ASN B 139 18.79 -0.57 -27.75
C ASN B 139 18.21 -0.39 -26.33
N VAL B 140 19.10 -0.16 -25.40
CA VAL B 140 18.71 0.03 -24.02
C VAL B 140 17.67 1.15 -23.82
N GLU B 141 17.85 2.24 -24.53
CA GLU B 141 16.88 3.37 -24.56
C GLU B 141 15.49 3.02 -25.00
N ASP B 142 15.35 1.96 -25.82
CA ASP B 142 14.08 1.62 -26.43
C ASP B 142 13.23 0.70 -25.52
N ILE B 143 13.86 0.07 -24.55
CA ILE B 143 13.21 -0.99 -23.76
C ILE B 143 11.97 -0.34 -23.08
N GLY B 144 10.84 -0.92 -23.39
CA GLY B 144 9.50 -0.56 -22.80
C GLY B 144 9.37 -0.86 -21.33
N ALA B 145 8.53 -0.10 -20.62
CA ALA B 145 8.17 -0.47 -19.26
C ALA B 145 7.46 -1.87 -19.31
N GLY B 146 7.67 -2.71 -18.34
CA GLY B 146 6.99 -3.98 -18.25
C GLY B 146 5.53 -3.93 -17.85
N ASP B 147 5.06 -2.78 -17.38
CA ASP B 147 3.64 -2.68 -16.93
C ASP B 147 3.28 -1.16 -16.98
N GLN B 148 2.01 -0.84 -16.84
CA GLN B 148 1.58 0.47 -16.47
C GLN B 148 1.86 0.65 -14.96
N GLY B 149 1.65 1.87 -14.55
CA GLY B 149 1.60 2.25 -13.13
C GLY B 149 2.21 3.58 -12.87
N MET B 150 2.02 4.04 -11.64
CA MET B 150 2.62 5.27 -11.17
C MET B 150 3.46 5.00 -9.87
N MET B 151 4.49 5.84 -9.69
CA MET B 151 5.36 5.72 -8.55
C MET B 151 5.71 7.13 -8.05
N PHE B 152 5.82 7.28 -6.74
CA PHE B 152 6.22 8.53 -6.20
C PHE B 152 7.55 8.50 -5.43
N GLY B 153 8.18 9.67 -5.41
CA GLY B 153 9.43 10.01 -4.63
C GLY B 153 9.13 11.16 -3.78
N TYR B 154 9.73 11.21 -2.60
CA TYR B 154 9.54 12.30 -1.65
C TYR B 154 10.80 12.55 -0.88
N ALA B 155 11.00 13.81 -0.53
CA ALA B 155 12.12 14.28 0.33
C ALA B 155 11.71 15.53 1.12
N THR B 156 12.31 15.71 2.32
CA THR B 156 12.03 16.80 3.16
C THR B 156 13.30 17.10 3.96
N ASN B 157 13.59 18.36 4.17
CA ASN B 157 14.80 18.82 4.95
C ASN B 157 14.67 18.71 6.45
N GLU B 158 13.63 18.00 6.94
CA GLU B 158 13.39 17.77 8.37
C GLU B 158 14.57 17.05 9.04
N THR B 159 15.24 16.11 8.35
CA THR B 159 16.25 15.24 8.92
C THR B 159 17.46 15.23 7.97
N LYS B 160 18.62 14.81 8.46
CA LYS B 160 19.78 14.68 7.56
C LYS B 160 19.61 13.64 6.44
N GLU B 161 18.74 12.65 6.66
CA GLU B 161 18.39 11.62 5.73
C GLU B 161 17.48 12.16 4.63
N LEU B 162 17.01 13.37 4.81
CA LEU B 162 16.01 14.01 3.99
C LEU B 162 14.71 13.16 3.92
N MET B 163 14.31 12.66 5.08
CA MET B 163 13.11 11.96 5.36
C MET B 163 12.27 12.59 6.50
N PRO B 164 11.01 12.26 6.53
CA PRO B 164 10.12 12.81 7.60
C PRO B 164 10.58 12.27 8.96
N LEU B 165 10.58 13.13 9.94
CA LEU B 165 11.05 12.74 11.26
C LEU B 165 10.23 11.66 11.88
N THR B 166 8.92 11.75 11.75
CA THR B 166 8.10 10.60 12.20
C THR B 166 8.59 9.20 11.79
N HIS B 167 8.79 8.99 10.47
CA HIS B 167 9.33 7.79 9.84
C HIS B 167 10.72 7.46 10.29
N VAL B 168 11.56 8.48 10.39
CA VAL B 168 12.93 8.23 10.83
C VAL B 168 12.94 7.66 12.25
N LEU B 169 12.16 8.24 13.13
CA LEU B 169 12.20 7.79 14.50
C LEU B 169 11.53 6.40 14.71
N ALA B 170 10.39 6.19 14.09
CA ALA B 170 9.77 4.84 14.18
C ALA B 170 10.69 3.79 13.62
N THR B 171 11.35 4.09 12.47
CA THR B 171 12.19 3.11 11.82
C THR B 171 13.52 2.85 12.65
N SER B 172 14.01 3.93 13.28
CA SER B 172 15.17 3.80 14.17
C SER B 172 14.90 2.91 15.32
N ILE B 173 13.69 3.02 15.92
CA ILE B 173 13.38 2.21 17.05
C ILE B 173 13.35 0.69 16.65
N THR B 174 12.66 0.31 15.57
CA THR B 174 12.60 -1.09 15.12
C THR B 174 13.97 -1.54 14.66
N ARG B 175 14.70 -0.69 13.96
CA ARG B 175 16.02 -1.16 13.51
C ARG B 175 16.99 -1.45 14.69
N GLU B 176 16.92 -0.64 15.74
CA GLU B 176 17.78 -0.85 16.94
C GLU B 176 17.36 -2.09 17.66
N LEU B 177 16.07 -2.29 17.90
CA LEU B 177 15.62 -3.60 18.49
C LEU B 177 16.12 -4.84 17.70
N ASP B 178 15.97 -4.77 16.39
CA ASP B 178 16.45 -5.82 15.57
C ASP B 178 17.96 -6.04 15.73
N TYR B 179 18.72 -4.94 15.74
CA TYR B 179 20.20 -5.06 15.79
C TYR B 179 20.55 -5.68 17.12
N ILE B 180 20.05 -5.11 18.21
CA ILE B 180 20.38 -5.62 19.52
C ILE B 180 20.00 -7.10 19.69
N ARG B 181 18.86 -7.54 19.17
CA ARG B 181 18.47 -8.97 19.22
C ARG B 181 19.31 -9.86 18.33
N MET B 182 19.62 -9.43 17.12
CA MET B 182 20.16 -10.36 16.12
C MET B 182 21.66 -10.41 16.09
N LYS B 183 22.28 -9.25 15.97
CA LYS B 183 23.78 -9.11 16.07
C LYS B 183 24.28 -8.32 17.28
N GLY B 184 23.63 -8.55 18.40
CA GLY B 184 24.06 -7.99 19.63
C GLY B 184 25.16 -8.83 20.21
N VAL B 185 25.40 -8.52 21.47
CA VAL B 185 26.57 -8.94 22.22
C VAL B 185 26.27 -9.77 23.47
N SER B 186 25.04 -9.76 24.00
CA SER B 186 24.86 -10.58 25.18
C SER B 186 23.53 -11.23 25.28
N SER B 187 23.31 -11.80 26.47
CA SER B 187 21.98 -12.05 27.10
C SER B 187 21.59 -10.84 28.04
N ARG B 188 21.95 -9.63 27.57
CA ARG B 188 21.27 -8.36 27.86
C ARG B 188 19.92 -8.32 27.10
N VAL B 189 19.63 -9.33 26.25
CA VAL B 189 18.38 -9.43 25.47
C VAL B 189 17.94 -10.85 25.05
N GLY B 190 18.34 -11.85 25.83
CA GLY B 190 17.91 -13.23 25.60
C GLY B 190 16.40 -13.37 25.54
N TRP B 191 15.69 -12.48 26.24
CA TRP B 191 14.23 -12.47 26.32
C TRP B 191 13.45 -11.88 25.14
N LEU B 192 14.11 -11.27 24.19
CA LEU B 192 13.41 -10.54 23.15
C LEU B 192 13.15 -11.53 21.99
N ARG B 193 11.92 -11.61 21.52
CA ARG B 193 11.54 -12.45 20.36
C ARG B 193 11.42 -11.60 19.09
N PRO B 194 11.24 -12.21 17.92
CA PRO B 194 11.44 -11.43 16.69
C PRO B 194 10.42 -10.45 16.28
N ASP B 195 9.18 -10.60 16.74
CA ASP B 195 8.06 -9.76 16.24
C ASP B 195 8.00 -8.48 17.11
N GLY B 196 7.49 -7.41 16.48
CA GLY B 196 7.20 -6.19 17.11
C GLY B 196 6.95 -5.05 16.14
N LYS B 197 6.42 -3.96 16.72
CA LYS B 197 6.11 -2.72 15.96
C LYS B 197 6.35 -1.47 16.78
N ALA B 198 6.46 -0.34 16.12
CA ALA B 198 6.51 0.93 16.82
C ALA B 198 5.81 1.98 16.04
N GLN B 199 5.42 3.05 16.73
CA GLN B 199 4.69 4.13 16.14
C GLN B 199 5.06 5.45 16.84
N VAL B 200 5.43 6.46 16.08
CA VAL B 200 5.89 7.77 16.65
C VAL B 200 5.03 8.92 16.15
N THR B 201 4.50 9.70 17.11
CA THR B 201 3.74 10.86 16.86
C THR B 201 4.54 12.08 17.15
N VAL B 202 4.65 13.00 16.18
CA VAL B 202 5.44 14.23 16.35
C VAL B 202 4.48 15.37 16.26
N GLU B 203 4.69 16.40 17.14
CA GLU B 203 4.02 17.67 17.02
C GLU B 203 4.89 18.61 16.16
N TYR B 204 4.28 19.14 15.12
CA TYR B 204 4.88 20.03 14.13
C TYR B 204 4.29 21.45 14.13
N ASN B 205 5.10 22.41 13.68
CA ASN B 205 4.64 23.73 13.24
C ASN B 205 4.85 23.84 11.74
N CYS B 206 3.96 24.55 11.06
CA CYS B 206 4.11 24.80 9.62
C CYS B 206 4.30 26.30 9.39
N LYS B 207 5.49 26.70 8.97
CA LYS B 207 5.78 28.12 8.63
C LYS B 207 6.18 28.25 7.15
N HIS B 208 5.23 28.77 6.33
CA HIS B 208 5.38 28.85 4.89
C HIS B 208 5.57 27.50 4.18
N GLY B 209 4.91 26.41 4.64
CA GLY B 209 5.01 25.08 3.98
C GLY B 209 6.23 24.20 4.38
N VAL B 210 7.13 24.86 5.10
CA VAL B 210 8.26 24.23 5.79
C VAL B 210 7.75 23.58 7.10
N LEU B 211 8.10 22.32 7.28
CA LEU B 211 7.67 21.58 8.41
C LEU B 211 8.77 21.69 9.39
N ILE B 212 8.46 22.14 10.60
CA ILE B 212 9.46 22.20 11.66
C ILE B 212 8.94 21.39 12.86
N PRO B 213 9.61 20.26 13.13
CA PRO B 213 9.24 19.47 14.26
C PRO B 213 9.34 20.36 15.50
N LYS B 214 8.35 20.34 16.42
CA LYS B 214 8.44 21.06 17.70
C LYS B 214 8.84 20.07 18.80
N ARG B 215 8.19 18.89 18.91
CA ARG B 215 8.48 17.87 19.97
C ARG B 215 7.93 16.53 19.62
N ILE B 216 8.47 15.48 20.22
CA ILE B 216 7.87 14.16 20.12
C ILE B 216 6.71 14.04 21.08
N HIS B 217 5.55 13.69 20.57
CA HIS B 217 4.33 13.72 21.31
C HIS B 217 4.07 12.34 21.97
N THR B 218 4.16 11.28 21.20
CA THR B 218 3.81 9.95 21.68
C THR B 218 4.74 8.92 21.00
N ILE B 219 5.27 8.00 21.78
CA ILE B 219 6.13 6.94 21.31
C ILE B 219 5.53 5.64 21.83
N LEU B 220 5.12 4.81 20.87
CA LEU B 220 4.54 3.51 21.13
C LEU B 220 5.44 2.39 20.63
N VAL B 221 5.75 1.41 21.47
CA VAL B 221 6.47 0.26 21.04
C VAL B 221 5.82 -0.97 21.61
N SER B 222 5.61 -1.97 20.73
CA SER B 222 5.13 -3.26 21.13
CA SER B 222 5.10 -3.29 21.11
C SER B 222 6.13 -4.33 20.66
N VAL B 223 6.75 -5.03 21.63
CA VAL B 223 7.80 -6.08 21.33
C VAL B 223 7.48 -7.47 21.91
N GLN B 224 7.81 -8.49 21.12
CA GLN B 224 7.46 -9.84 21.48
C GLN B 224 8.53 -10.34 22.45
N HIS B 225 8.16 -11.11 23.46
CA HIS B 225 9.12 -11.46 24.57
C HIS B 225 8.85 -12.88 25.07
N ASP B 226 9.85 -13.50 25.73
CA ASP B 226 9.75 -14.81 26.42
C ASP B 226 8.79 -14.71 27.55
N GLU B 227 8.35 -15.88 28.01
CA GLU B 227 7.41 -16.01 29.17
C GLU B 227 8.00 -15.43 30.49
N ASN B 228 9.30 -15.65 30.65
CA ASN B 228 9.92 -15.43 31.94
C ASN B 228 10.42 -14.00 32.11
N ILE B 229 9.88 -13.03 31.36
CA ILE B 229 10.18 -11.62 31.67
C ILE B 229 8.85 -10.92 31.79
N GLU B 230 8.77 -9.90 32.64
N GLU B 230 8.81 -9.89 32.60
CA GLU B 230 7.53 -9.24 32.80
CA GLU B 230 7.60 -9.17 32.75
C GLU B 230 7.61 -7.78 32.27
C GLU B 230 7.63 -7.82 32.05
N ASN B 231 6.43 -7.27 31.90
CA ASN B 231 6.26 -6.00 31.24
C ASN B 231 6.97 -4.75 31.91
N GLU B 232 7.15 -4.76 33.20
CA GLU B 232 7.90 -3.65 33.81
C GLU B 232 9.41 -3.60 33.38
N GLU B 233 9.98 -4.81 33.23
CA GLU B 233 11.41 -4.91 32.96
C GLU B 233 11.58 -4.42 31.49
N ILE B 234 10.61 -4.84 30.67
CA ILE B 234 10.59 -4.53 29.24
C ILE B 234 10.59 -3.02 29.05
N ARG B 235 9.74 -2.33 29.79
CA ARG B 235 9.66 -0.86 29.66
C ARG B 235 10.94 -0.21 29.93
N GLU B 236 11.55 -0.59 31.06
CA GLU B 236 12.82 -0.07 31.44
C GLU B 236 13.85 -0.28 30.34
N PHE B 237 13.93 -1.46 29.81
CA PHE B 237 14.96 -1.73 28.82
C PHE B 237 14.79 -0.86 27.55
N VAL B 238 13.55 -0.86 27.04
CA VAL B 238 13.17 -0.20 25.80
C VAL B 238 13.38 1.32 25.96
N LEU B 239 12.91 1.90 27.05
CA LEU B 239 13.13 3.35 27.28
C LEU B 239 14.56 3.66 27.24
N GLU B 240 15.36 2.96 28.04
CA GLU B 240 16.74 3.39 28.20
C GLU B 240 17.66 3.00 27.10
N ASN B 241 17.49 1.80 26.59
CA ASN B 241 18.44 1.29 25.58
C ASN B 241 18.04 1.48 24.12
N VAL B 242 16.76 1.82 23.87
CA VAL B 242 16.29 2.04 22.53
C VAL B 242 15.75 3.46 22.36
N ILE B 243 14.60 3.72 23.00
CA ILE B 243 14.05 5.05 22.83
C ILE B 243 15.06 6.16 23.06
N LYS B 244 15.74 6.17 24.23
CA LYS B 244 16.59 7.28 24.56
C LYS B 244 17.86 7.25 23.73
N LYS B 245 18.19 6.08 23.23
CA LYS B 245 19.34 5.94 22.31
C LYS B 245 19.07 6.56 20.97
N VAL B 246 17.89 6.37 20.37
CA VAL B 246 17.65 6.89 19.01
C VAL B 246 16.81 8.11 18.82
N CYS B 247 16.09 8.58 19.84
CA CYS B 247 15.27 9.77 19.76
C CYS B 247 16.05 10.90 20.40
N PRO B 248 16.09 12.08 19.77
CA PRO B 248 16.87 13.18 20.28
C PRO B 248 16.28 13.73 21.55
N SER B 249 17.14 13.98 22.53
CA SER B 249 16.66 14.44 23.80
C SER B 249 16.07 15.82 23.77
N ASP B 250 16.48 16.69 22.89
CA ASP B 250 15.82 17.94 22.84
C ASP B 250 14.38 17.92 22.26
N LEU B 251 13.92 16.80 21.71
CA LEU B 251 12.53 16.70 21.25
C LEU B 251 11.63 15.99 22.25
N MET B 252 12.19 15.59 23.36
CA MET B 252 11.39 14.90 24.39
C MET B 252 11.28 15.62 25.70
N ASP B 253 10.13 15.56 26.35
CA ASP B 253 9.94 16.34 27.53
C ASP B 253 9.08 15.53 28.40
N LYS B 254 8.74 16.07 29.54
CA LYS B 254 8.09 15.25 30.57
C LYS B 254 6.66 14.90 30.17
N GLU B 255 6.10 15.59 29.17
CA GLU B 255 4.77 15.24 28.65
C GLU B 255 4.82 14.20 27.54
N THR B 256 5.97 13.97 26.92
CA THR B 256 6.05 12.94 25.90
C THR B 256 5.48 11.65 26.44
N ARG B 257 4.49 11.08 25.76
CA ARG B 257 3.77 9.90 26.23
C ARG B 257 4.48 8.63 25.71
N ILE B 258 4.89 7.74 26.60
CA ILE B 258 5.59 6.56 26.25
C ILE B 258 4.73 5.41 26.53
N LEU B 259 4.37 4.64 25.50
CA LEU B 259 3.60 3.48 25.67
C LEU B 259 4.37 2.26 25.23
N ILE B 260 4.51 1.31 26.12
CA ILE B 260 5.25 0.09 25.85
C ILE B 260 4.35 -1.11 26.20
N ASN B 261 4.22 -1.99 25.22
CA ASN B 261 3.32 -3.17 25.24
C ASN B 261 1.95 -2.79 25.92
N PRO B 262 1.28 -1.74 25.45
CA PRO B 262 0.12 -1.33 26.18
C PRO B 262 -1.05 -2.26 26.07
N SER B 263 -1.13 -3.10 25.06
CA SER B 263 -2.24 -4.04 25.05
C SER B 263 -1.99 -5.27 25.93
N GLY B 264 -0.88 -5.31 26.69
CA GLY B 264 -0.56 -6.45 27.52
C GLY B 264 0.56 -7.32 26.98
N ARG B 265 0.57 -8.57 27.42
CA ARG B 265 1.54 -9.53 27.04
C ARG B 265 1.66 -9.89 25.56
N PHE B 266 2.88 -10.14 25.12
CA PHE B 266 3.18 -10.35 23.71
C PHE B 266 4.22 -11.44 23.63
N THR B 267 3.81 -12.63 24.05
CA THR B 267 4.64 -13.84 23.96
C THR B 267 4.30 -14.62 22.72
N ILE B 268 3.04 -14.67 22.30
CA ILE B 268 2.63 -15.40 21.08
C ILE B 268 2.79 -14.36 19.92
N GLY B 269 3.52 -14.71 18.86
CA GLY B 269 3.75 -13.81 17.77
C GLY B 269 4.17 -14.56 16.54
N GLY B 270 4.67 -13.80 15.58
CA GLY B 270 5.08 -14.27 14.27
C GLY B 270 3.87 -14.83 13.53
N PRO B 271 4.17 -15.73 12.59
CA PRO B 271 3.08 -16.33 11.78
C PRO B 271 2.05 -17.06 12.54
N ALA B 272 2.44 -17.62 13.68
CA ALA B 272 1.50 -18.35 14.49
C ALA B 272 0.36 -17.44 14.93
N ALA B 273 0.58 -16.14 15.15
CA ALA B 273 -0.49 -15.24 15.54
C ALA B 273 -1.13 -14.47 14.40
N ASP B 274 -0.41 -14.28 13.30
CA ASP B 274 -0.83 -13.38 12.26
C ASP B 274 -0.22 -13.71 10.94
N ALA B 275 -1.01 -13.95 9.91
CA ALA B 275 -0.48 -14.30 8.60
C ALA B 275 0.40 -13.14 8.07
N GLY B 276 1.38 -13.48 7.27
CA GLY B 276 2.19 -12.51 6.57
C GLY B 276 2.18 -12.74 5.07
N LEU B 277 2.37 -11.66 4.32
CA LEU B 277 2.49 -11.68 2.86
C LEU B 277 3.45 -10.64 2.43
N THR B 278 4.20 -10.89 1.39
CA THR B 278 4.98 -9.88 0.69
C THR B 278 4.11 -8.70 0.26
N GLY B 279 4.67 -7.50 0.35
CA GLY B 279 4.02 -6.35 -0.20
C GLY B 279 2.90 -5.72 0.59
N ARG B 280 2.87 -6.02 1.88
CA ARG B 280 1.81 -5.52 2.80
C ARG B 280 2.42 -4.53 3.81
N LYS B 281 3.60 -3.96 3.50
CA LYS B 281 4.22 -2.93 4.33
C LYS B 281 4.79 -1.78 3.46
N ILE B 282 4.01 -1.37 2.47
CA ILE B 282 4.50 -0.42 1.45
C ILE B 282 4.71 0.93 1.99
N ILE B 283 3.95 1.29 3.04
CA ILE B 283 4.12 2.59 3.63
C ILE B 283 5.29 2.65 4.59
N VAL B 284 5.45 1.58 5.39
CA VAL B 284 6.72 1.40 6.21
C VAL B 284 7.95 1.40 5.27
N ASP B 285 7.82 0.77 4.08
CA ASP B 285 8.91 0.69 3.11
C ASP B 285 9.32 2.05 2.56
N THR B 286 8.39 2.98 2.62
CA THR B 286 8.55 4.26 1.98
C THR B 286 8.52 5.73 2.36
N TYR B 287 7.46 6.22 2.99
CA TYR B 287 7.46 7.52 3.61
C TYR B 287 6.57 7.67 4.88
N GLY B 288 6.07 6.58 5.44
CA GLY B 288 5.35 6.69 6.73
C GLY B 288 4.07 7.52 6.72
N GLY B 289 3.45 7.69 5.58
CA GLY B 289 2.21 8.40 5.45
C GLY B 289 2.39 9.79 4.86
N TRP B 290 3.65 10.28 4.75
CA TRP B 290 3.94 11.50 4.06
C TRP B 290 4.12 11.13 2.59
N GLY B 291 4.08 12.13 1.77
CA GLY B 291 4.26 11.84 0.36
C GLY B 291 3.08 11.22 -0.24
N ALA B 292 3.30 10.26 -1.08
CA ALA B 292 2.19 9.42 -1.64
C ALA B 292 2.78 8.07 -2.03
N HIS B 293 1.93 7.19 -2.50
CA HIS B 293 2.31 5.91 -3.01
C HIS B 293 1.49 5.52 -4.22
N GLY B 294 2.14 4.88 -5.20
CA GLY B 294 1.41 4.37 -6.38
C GLY B 294 0.73 3.02 -6.24
N GLY B 295 1.09 2.26 -5.23
CA GLY B 295 0.47 1.01 -4.95
C GLY B 295 1.31 -0.21 -5.09
N GLY B 296 2.42 -0.09 -5.80
CA GLY B 296 3.27 -1.24 -6.09
C GLY B 296 4.20 -1.66 -4.93
N ALA B 297 4.27 -2.95 -4.62
CA ALA B 297 5.29 -3.38 -3.73
C ALA B 297 6.71 -3.46 -4.32
N PHE B 298 7.75 -3.48 -3.47
CA PHE B 298 9.07 -3.55 -4.00
C PHE B 298 9.67 -4.92 -3.95
N SER B 299 9.56 -5.58 -2.77
CA SER B 299 10.26 -6.85 -2.53
C SER B 299 9.88 -8.01 -3.43
N GLY B 300 10.88 -8.74 -3.87
CA GLY B 300 10.73 -9.89 -4.70
C GLY B 300 10.81 -9.58 -6.17
N LYS B 301 10.88 -8.28 -6.50
CA LYS B 301 10.87 -7.84 -7.89
C LYS B 301 12.24 -7.30 -8.41
N ASP B 302 12.68 -7.83 -9.54
CA ASP B 302 13.85 -7.39 -10.16
C ASP B 302 13.59 -6.04 -10.70
N ALA B 303 14.66 -5.33 -11.06
CA ALA B 303 14.51 -3.95 -11.41
C ALA B 303 13.80 -3.63 -12.73
N THR B 304 13.48 -4.63 -13.55
CA THR B 304 12.65 -4.30 -14.75
C THR B 304 11.20 -4.04 -14.32
N LYS B 305 10.86 -4.25 -13.06
CA LYS B 305 9.53 -3.81 -12.50
C LYS B 305 9.68 -2.40 -12.17
N VAL B 306 9.01 -1.53 -12.93
CA VAL B 306 9.12 -0.10 -12.68
C VAL B 306 8.48 0.34 -11.33
N ASP B 307 7.63 -0.49 -10.77
CA ASP B 307 7.11 -0.22 -9.44
C ASP B 307 8.33 -0.03 -8.49
N ARG B 308 9.40 -0.77 -8.70
CA ARG B 308 10.60 -0.62 -7.80
C ARG B 308 11.54 0.40 -8.40
N SER B 309 11.94 0.23 -9.66
CA SER B 309 12.97 1.06 -10.22
C SER B 309 12.53 2.50 -10.40
N GLY B 310 11.28 2.66 -10.81
CA GLY B 310 10.65 4.04 -10.96
C GLY B 310 10.55 4.75 -9.64
N ALA B 311 10.24 4.03 -8.56
CA ALA B 311 10.13 4.69 -7.25
C ALA B 311 11.54 5.06 -6.76
N TYR B 312 12.52 4.16 -7.00
CA TYR B 312 13.90 4.48 -6.61
C TYR B 312 14.43 5.72 -7.34
N MET B 313 14.18 5.81 -8.67
CA MET B 313 14.65 7.02 -9.36
C MET B 313 13.83 8.23 -8.85
N ALA B 314 12.53 8.06 -8.66
CA ALA B 314 11.75 9.22 -8.20
C ALA B 314 12.31 9.77 -6.81
N ARG B 315 12.71 8.88 -5.90
CA ARG B 315 13.37 9.28 -4.65
C ARG B 315 14.61 10.09 -4.96
N LEU B 316 15.50 9.63 -5.84
CA LEU B 316 16.72 10.31 -6.14
C LEU B 316 16.42 11.72 -6.59
N VAL B 317 15.42 11.85 -7.50
CA VAL B 317 15.07 13.15 -7.98
C VAL B 317 14.61 14.08 -6.80
N ALA B 318 13.69 13.64 -5.96
CA ALA B 318 13.17 14.42 -4.88
C ALA B 318 14.27 14.79 -3.93
N LYS B 319 15.12 13.84 -3.65
CA LYS B 319 16.20 14.10 -2.69
C LYS B 319 17.18 15.05 -3.30
N SER B 320 17.43 14.92 -4.59
CA SER B 320 18.41 15.85 -5.25
C SER B 320 17.93 17.31 -5.20
N ILE B 321 16.67 17.48 -5.47
CA ILE B 321 16.09 18.80 -5.46
C ILE B 321 16.16 19.49 -4.08
N VAL B 322 15.80 18.76 -3.03
CA VAL B 322 15.93 19.27 -1.65
C VAL B 322 17.39 19.44 -1.29
N PHE B 323 18.23 18.47 -1.57
CA PHE B 323 19.69 18.55 -1.25
C PHE B 323 20.33 19.73 -1.90
N SER B 324 19.84 20.11 -3.06
CA SER B 324 20.39 21.24 -3.77
C SER B 324 19.93 22.59 -3.29
N GLY B 325 19.05 22.61 -2.29
CA GLY B 325 18.56 23.88 -1.77
C GLY B 325 17.44 24.52 -2.59
N LEU B 326 16.79 23.77 -3.49
CA LEU B 326 15.84 24.38 -4.43
C LEU B 326 14.45 24.42 -3.82
N CYS B 327 14.24 23.61 -2.80
CA CYS B 327 13.02 23.62 -2.01
C CYS B 327 13.29 22.93 -0.69
N SER B 328 12.34 22.92 0.22
CA SER B 328 12.45 22.24 1.53
C SER B 328 11.77 20.89 1.58
N ARG B 329 10.75 20.73 0.77
CA ARG B 329 10.07 19.47 0.58
C ARG B 329 9.68 19.32 -0.84
N CYS B 330 9.62 18.09 -1.30
CA CYS B 330 9.35 17.75 -2.75
C CYS B 330 8.67 16.38 -2.95
N LEU B 331 7.63 16.35 -3.77
CA LEU B 331 6.99 15.13 -4.20
C LEU B 331 7.06 15.01 -5.72
N VAL B 332 7.44 13.83 -6.16
CA VAL B 332 7.59 13.50 -7.59
C VAL B 332 6.68 12.35 -7.98
N GLN B 333 5.86 12.47 -9.04
CA GLN B 333 5.14 11.32 -9.56
C GLN B 333 5.67 10.99 -11.00
N VAL B 334 6.00 9.73 -11.27
CA VAL B 334 6.20 9.24 -12.62
C VAL B 334 5.13 8.23 -12.94
N SER B 335 4.63 8.16 -14.18
N SER B 335 4.74 8.13 -14.21
CA SER B 335 3.84 7.05 -14.59
CA SER B 335 3.74 7.22 -14.68
C SER B 335 4.23 6.54 -15.96
C SER B 335 4.15 6.58 -16.02
N TYR B 336 3.97 5.26 -16.14
CA TYR B 336 4.41 4.50 -17.28
C TYR B 336 3.21 3.82 -17.94
N GLY B 337 3.39 3.48 -19.20
CA GLY B 337 2.53 2.52 -19.95
C GLY B 337 3.27 1.28 -20.35
N ALA B 338 2.57 0.17 -20.27
CA ALA B 338 3.14 -1.11 -20.64
C ALA B 338 3.58 -1.10 -22.10
N GLY B 339 4.78 -1.61 -22.28
CA GLY B 339 5.49 -1.64 -23.58
C GLY B 339 5.99 -0.31 -24.09
N ILE B 340 5.91 0.73 -23.30
CA ILE B 340 6.33 2.03 -23.66
C ILE B 340 7.57 2.54 -22.92
N ALA B 341 8.57 3.13 -23.63
CA ALA B 341 9.84 3.44 -22.94
C ALA B 341 9.78 4.74 -22.17
N ARG B 342 9.33 5.80 -22.84
CA ARG B 342 9.25 7.08 -22.15
C ARG B 342 8.01 7.09 -21.23
N PRO B 343 8.17 7.60 -20.03
CA PRO B 343 7.02 7.72 -19.10
C PRO B 343 5.90 8.46 -19.76
N LEU B 344 4.67 8.05 -19.49
CA LEU B 344 3.49 8.83 -19.93
C LEU B 344 3.37 10.21 -19.25
N SER B 345 3.86 10.32 -18.04
CA SER B 345 3.81 11.60 -17.35
C SER B 345 4.86 11.74 -16.23
N LEU B 346 5.19 12.99 -15.93
CA LEU B 346 5.99 13.34 -14.79
C LEU B 346 5.42 14.57 -14.13
N TYR B 347 5.58 14.62 -12.82
CA TYR B 347 4.91 15.65 -11.94
C TYR B 347 5.86 16.00 -10.79
N ILE B 348 6.02 17.25 -10.48
CA ILE B 348 6.81 17.75 -9.30
C ILE B 348 5.96 18.73 -8.52
N ASN B 349 5.92 18.56 -7.20
CA ASN B 349 5.25 19.49 -6.28
C ASN B 349 6.19 19.85 -5.14
N THR B 350 6.47 21.11 -4.93
CA THR B 350 7.30 21.50 -3.82
C THR B 350 6.54 22.22 -2.70
N PHE B 351 5.20 22.13 -2.75
CA PHE B 351 4.34 22.46 -1.60
C PHE B 351 4.49 23.93 -1.26
N GLY B 352 4.72 24.72 -2.28
CA GLY B 352 5.09 26.14 -2.08
C GLY B 352 6.42 26.46 -1.48
N THR B 353 7.36 25.54 -1.33
CA THR B 353 8.57 25.80 -0.64
C THR B 353 9.74 26.08 -1.58
N ALA B 354 9.47 26.23 -2.88
CA ALA B 354 10.57 26.46 -3.84
C ALA B 354 11.33 27.71 -3.52
N LYS B 355 12.61 27.71 -3.83
CA LYS B 355 13.50 28.86 -3.68
C LYS B 355 13.11 30.01 -4.64
N ASP B 356 13.54 31.23 -4.32
CA ASP B 356 13.21 32.39 -5.15
C ASP B 356 13.64 32.16 -6.54
N GLY B 357 12.75 32.42 -7.48
CA GLY B 357 13.10 32.26 -8.88
C GLY B 357 13.02 30.83 -9.39
N TYR B 358 12.57 29.88 -8.57
CA TYR B 358 12.29 28.55 -9.01
C TYR B 358 10.80 28.31 -8.79
N ASN B 359 10.19 27.47 -9.63
CA ASN B 359 8.81 27.05 -9.40
C ASN B 359 8.71 25.64 -9.99
N ASP B 360 7.58 24.98 -9.73
CA ASP B 360 7.41 23.57 -10.12
C ASP B 360 7.51 23.36 -11.66
N THR B 361 7.12 24.37 -12.43
CA THR B 361 7.32 24.31 -13.87
C THR B 361 8.82 24.26 -14.28
N LYS B 362 9.64 25.15 -13.74
CA LYS B 362 11.07 25.16 -14.04
C LYS B 362 11.76 23.97 -13.45
N LEU B 363 11.37 23.54 -12.26
CA LEU B 363 11.98 22.34 -11.68
C LEU B 363 11.72 21.15 -12.58
N LEU B 364 10.49 21.05 -13.14
CA LEU B 364 10.26 19.94 -14.05
C LEU B 364 11.12 20.05 -15.28
N GLU B 365 11.27 21.26 -15.78
CA GLU B 365 12.17 21.40 -16.93
C GLU B 365 13.64 21.04 -16.52
N ILE B 366 14.11 21.41 -15.31
CA ILE B 366 15.50 21.04 -14.88
C ILE B 366 15.69 19.52 -14.74
N VAL B 367 14.69 18.85 -14.14
CA VAL B 367 14.64 17.41 -14.04
C VAL B 367 14.73 16.68 -15.38
N ASN B 368 13.91 17.16 -16.34
CA ASN B 368 13.88 16.56 -17.66
C ASN B 368 15.23 16.79 -18.41
N LYS B 369 15.99 17.83 -18.08
CA LYS B 369 17.34 17.90 -18.58
C LYS B 369 18.35 16.94 -18.01
N VAL B 370 18.21 16.59 -16.75
CA VAL B 370 19.26 15.79 -16.06
C VAL B 370 18.91 14.32 -15.89
N PHE B 371 17.63 14.02 -15.68
CA PHE B 371 17.28 12.68 -15.30
C PHE B 371 16.56 12.01 -16.43
N ASP B 372 16.73 10.71 -16.55
CA ASP B 372 16.15 9.91 -17.57
C ASP B 372 15.36 8.71 -16.98
N PHE B 373 14.05 8.75 -17.15
CA PHE B 373 13.25 7.69 -16.53
C PHE B 373 12.91 6.53 -17.45
N ARG B 374 13.53 6.45 -18.65
CA ARG B 374 13.33 5.27 -19.44
C ARG B 374 13.91 4.11 -18.71
N PRO B 375 13.17 2.97 -18.63
CA PRO B 375 13.53 1.91 -17.64
C PRO B 375 14.90 1.25 -17.94
N GLY B 376 15.24 1.06 -19.20
CA GLY B 376 16.59 0.59 -19.48
C GLY B 376 17.73 1.48 -18.96
N ILE B 377 17.55 2.78 -19.08
CA ILE B 377 18.54 3.80 -18.60
C ILE B 377 18.54 3.80 -17.11
N LEU B 378 17.34 3.90 -16.54
N LEU B 378 17.39 3.84 -16.48
CA LEU B 378 17.08 3.73 -15.11
CA LEU B 378 17.43 3.97 -15.05
C LEU B 378 17.98 2.73 -14.43
C LEU B 378 17.96 2.69 -14.30
N ILE B 379 17.75 1.50 -14.84
CA ILE B 379 18.40 0.33 -14.29
C ILE B 379 19.94 0.40 -14.34
N LYS B 380 20.47 0.88 -15.46
CA LYS B 380 21.92 1.01 -15.68
C LYS B 380 22.47 2.09 -14.78
N GLN B 381 21.75 3.21 -14.70
N GLN B 381 21.81 3.27 -14.68
CA GLN B 381 22.19 4.37 -13.90
CA GLN B 381 22.32 4.42 -13.84
C GLN B 381 22.34 4.05 -12.44
C GLN B 381 22.36 4.06 -12.37
N LEU B 382 21.42 3.24 -11.95
CA LEU B 382 21.33 2.89 -10.50
C LEU B 382 21.93 1.51 -10.15
N ASN B 383 22.54 0.88 -11.14
CA ASN B 383 23.23 -0.36 -10.95
C ASN B 383 22.30 -1.41 -10.35
N LEU B 384 21.09 -1.54 -10.91
CA LEU B 384 20.02 -2.30 -10.23
C LEU B 384 19.99 -3.81 -10.56
N LYS B 385 20.99 -4.29 -11.35
CA LYS B 385 21.18 -5.73 -11.56
C LYS B 385 22.10 -6.38 -10.45
N SER B 386 22.56 -5.58 -9.54
CA SER B 386 23.44 -6.04 -8.49
C SER B 386 22.63 -6.63 -7.34
N PRO B 387 23.16 -7.67 -6.69
CA PRO B 387 22.40 -8.36 -5.66
C PRO B 387 22.42 -7.64 -4.32
N ILE B 388 21.74 -6.49 -4.27
CA ILE B 388 21.81 -5.60 -3.16
C ILE B 388 20.48 -5.50 -2.46
N PHE B 389 19.47 -6.24 -2.92
CA PHE B 389 18.13 -5.93 -2.48
C PHE B 389 17.76 -6.43 -1.09
N LYS B 390 18.43 -7.48 -0.63
CA LYS B 390 18.06 -8.02 0.69
C LYS B 390 18.18 -7.00 1.80
N LYS B 391 19.17 -6.14 1.68
CA LYS B 391 19.39 -5.05 2.69
C LYS B 391 18.21 -4.05 2.66
N THR B 392 17.50 -3.88 1.56
CA THR B 392 16.45 -2.90 1.55
C THR B 392 15.14 -3.41 2.15
N SER B 393 15.00 -4.73 2.35
CA SER B 393 13.69 -5.30 2.66
C SER B 393 13.31 -5.28 4.19
N SER B 394 14.18 -4.76 5.05
CA SER B 394 13.73 -4.18 6.36
C SER B 394 14.54 -2.91 6.57
N GLY B 395 13.95 -2.01 7.36
CA GLY B 395 14.59 -0.74 7.68
C GLY B 395 14.16 0.42 6.78
N GLY B 396 13.27 0.18 5.79
CA GLY B 396 12.93 1.19 4.87
C GLY B 396 13.86 1.17 3.65
N HIS B 397 13.34 1.54 2.47
CA HIS B 397 14.09 1.60 1.23
C HIS B 397 14.80 2.94 1.12
N PHE B 398 14.25 3.95 1.81
CA PHE B 398 14.68 5.34 1.66
C PHE B 398 15.28 5.91 2.96
N GLY B 399 16.12 6.91 2.78
CA GLY B 399 16.78 7.52 3.90
C GLY B 399 17.95 6.69 4.41
N ARG B 400 18.50 5.83 3.58
CA ARG B 400 19.42 4.81 4.01
C ARG B 400 20.81 5.28 3.62
N SER B 401 21.80 4.97 4.43
CA SER B 401 23.15 5.47 4.18
C SER B 401 24.03 4.49 3.38
N GLU B 402 23.58 3.26 3.11
CA GLU B 402 24.50 2.21 2.54
C GLU B 402 25.08 2.65 1.24
N LYS B 403 26.37 2.39 1.00
CA LYS B 403 26.96 2.91 -0.19
C LYS B 403 26.39 2.32 -1.50
N GLU B 404 25.82 1.15 -1.39
CA GLU B 404 25.24 0.45 -2.56
C GLU B 404 23.93 1.04 -3.10
N PHE B 405 23.28 1.90 -2.32
CA PHE B 405 21.97 2.48 -2.72
C PHE B 405 22.15 3.81 -3.41
N LEU B 406 22.38 3.75 -4.72
CA LEU B 406 22.67 4.90 -5.52
C LEU B 406 21.53 5.89 -5.58
N TRP B 407 20.30 5.42 -5.29
CA TRP B 407 19.16 6.37 -5.25
C TRP B 407 19.13 7.35 -4.06
N GLU B 408 20.06 7.19 -3.07
CA GLU B 408 20.19 8.04 -1.93
C GLU B 408 21.40 8.93 -2.04
N LYS B 409 22.08 8.92 -3.17
CA LYS B 409 23.27 9.78 -3.37
C LYS B 409 22.93 10.95 -4.28
N PRO B 410 22.55 12.08 -3.67
CA PRO B 410 21.94 13.16 -4.48
C PRO B 410 22.90 13.89 -5.41
N ILE B 411 22.31 14.42 -6.49
CA ILE B 411 22.93 15.18 -7.53
C ILE B 411 22.73 16.67 -7.24
N ILE B 412 23.75 17.52 -7.44
CA ILE B 412 23.54 18.99 -7.37
C ILE B 412 22.84 19.51 -8.66
N LEU B 413 21.69 20.17 -8.51
CA LEU B 413 20.96 20.79 -9.61
C LEU B 413 20.84 22.32 -9.45
N GLN B 414 20.63 23.06 -10.56
CA GLN B 414 20.52 24.53 -10.50
C GLN B 414 19.70 25.16 -11.64
PG 3PO C . 0.05 -5.42 -10.52
O1G 3PO C . -0.71 -5.59 -11.79
O2G 3PO C . -0.44 -6.27 -9.38
O3G 3PO C . 0.24 -4.02 -10.13
PB 3PO C . 2.51 -6.62 -9.75
O1B 3PO C . 3.90 -6.86 -10.39
O2B 3PO C . 1.96 -7.87 -9.09
O3B 3PO C . 1.54 -6.02 -10.88
PA 3PO C . 1.88 -5.08 -7.26
O1A 3PO C . 1.26 -3.73 -7.59
O2A 3PO C . 2.98 -4.96 -6.23
O3A 3PO C . 2.73 -5.45 -8.67
O5' 3PO C . 0.90 -6.20 -7.00
MG MG D . 0.12 -7.62 -8.11
O17 EU9 E . 6.86 -9.99 -14.82
C15 EU9 E . 6.21 -10.71 -14.03
O16 EU9 E . 6.51 -11.85 -13.76
C14 EU9 E . 5.14 -10.05 -13.16
N18 EU9 E . 4.31 -10.99 -12.47
C13 EU9 E . 4.56 -8.80 -13.80
C12 EU9 E . 3.12 -8.46 -13.32
S11 EU9 E . 2.03 -8.41 -14.60
C7 EU9 E . 2.73 -7.44 -15.79
C3 EU9 E . 2.50 -7.45 -17.31
C21 EU9 E . 2.07 -6.22 -17.88
C1 EU9 E . 1.89 -6.08 -19.27
C61 EU9 E . 2.15 -7.17 -20.10
C51 EU9 E . 2.56 -8.40 -19.55
C41 EU9 E . 2.79 -8.55 -18.17
N8 EU9 E . 3.19 -9.81 -17.69
O10 EU9 E . 3.75 -9.96 -16.43
O9 EU9 E . 2.98 -10.98 -18.45
C19 EU9 E . 0.82 -7.49 -13.78
C20 EU9 E . -0.51 -7.39 -14.50
O24 EU9 E . -0.36 -6.99 -15.83
C23 EU9 E . -1.53 -7.42 -16.56
C22 EU9 E . -2.32 -8.32 -15.61
O26 EU9 E . -3.41 -7.59 -15.07
C27 EU9 E . -1.27 -8.68 -14.55
O25 EU9 E . -1.93 -9.03 -13.36
N9 EU9 E . -1.14 -8.21 -17.77
C8 EU9 E . -0.84 -9.52 -17.83
N7 EU9 E . -0.61 -9.88 -19.14
C5 EU9 E . -0.71 -8.76 -19.89
C6 EU9 E . -0.59 -8.45 -21.24
N6 EU9 E . -0.29 -9.42 -22.15
N1 EU9 E . -0.81 -7.20 -21.65
C2 EU9 E . -1.11 -6.22 -20.78
N3 EU9 E . -1.25 -6.43 -19.46
C4 EU9 E . -1.09 -7.68 -18.97
PG 3PO F . -2.00 -5.11 7.09
O1G 3PO F . -3.13 -5.01 6.06
O2G 3PO F . -1.32 -3.77 7.43
O3G 3PO F . -0.99 -6.20 6.78
PB 3PO F . -2.62 -6.64 9.60
O1B 3PO F . -2.06 -7.84 8.96
O2B 3PO F . -4.02 -6.85 10.20
O3B 3PO F . -2.78 -5.38 8.56
PA 3PO F . -0.13 -5.52 10.35
O1A 3PO F . 0.36 -6.43 9.23
O2A 3PO F . 0.59 -5.52 11.68
O3A 3PO F . -1.67 -6.07 10.71
O5' 3PO F . -0.32 -4.07 10.02
MG MG G . -0.25 -7.67 7.95
O17 EU9 H . -6.94 -10.12 14.61
C15 EU9 H . -6.32 -10.85 13.83
O16 EU9 H . -6.61 -12.02 13.56
C14 EU9 H . -5.27 -10.13 12.98
N18 EU9 H . -4.46 -10.99 12.15
C13 EU9 H . -4.62 -8.99 13.72
C12 EU9 H . -3.29 -8.44 13.17
S11 EU9 H . -2.13 -8.46 14.39
C7 EU9 H . -2.80 -7.51 15.63
C3 EU9 H . -2.61 -7.53 17.16
C21 EU9 H . -2.22 -6.29 17.77
C1 EU9 H . -2.07 -6.15 19.15
C61 EU9 H . -2.34 -7.26 19.96
C51 EU9 H . -2.73 -8.47 19.39
C41 EU9 H . -2.91 -8.62 18.02
N8 EU9 H . -3.31 -9.88 17.56
O10 EU9 H . -3.27 -11.00 18.36
O9 EU9 H . -3.75 -10.04 16.28
C19 EU9 H . -0.93 -7.50 13.64
C20 EU9 H . 0.45 -7.46 14.30
O24 EU9 H . 0.27 -7.08 15.64
C23 EU9 H . 1.41 -7.49 16.39
C22 EU9 H . 2.23 -8.41 15.46
O26 EU9 H . 3.36 -7.64 15.03
C27 EU9 H . 1.22 -8.78 14.34
O25 EU9 H . 1.81 -9.18 13.08
N9 EU9 H . 1.01 -8.21 17.62
C8 EU9 H . 0.72 -9.54 17.68
N7 EU9 H . 0.44 -9.89 18.96
C5 EU9 H . 0.55 -8.80 19.72
C6 EU9 H . 0.44 -8.54 21.07
N6 EU9 H . 0.12 -9.54 21.94
N1 EU9 H . 0.65 -7.30 21.52
C2 EU9 H . 0.98 -6.31 20.69
N3 EU9 H . 1.14 -6.47 19.36
C4 EU9 H . 0.94 -7.69 18.83
#